data_3IXY
#
_entry.id   3IXY
#
_cell.length_a   1
_cell.length_b   1
_cell.length_c   1
_cell.angle_alpha   90
_cell.angle_beta   90
_cell.angle_gamma   90
#
_symmetry.space_group_name_H-M   'P 1'
#
loop_
_entity.id
_entity.type
_entity.pdbx_description
1 polymer 'Envelope protein E'
2 polymer 'Peptide pr'
3 polymer 'E53 Fab Fragment (chain H)'
4 polymer 'E53 Fab Fragment (chain L)'
#
loop_
_entity_poly.entity_id
_entity_poly.type
_entity_poly.pdbx_seq_one_letter_code
_entity_poly.pdbx_strand_id
1 'polypeptide(L)'
;MRCIGISNRDFVEGVSGGSWVDIVLEHGSCVTTMAKNKPTLDFELIKTEAKQPATLRKYCIEAKLTNTTTESRCPTQGEP
SLNEEQDKRFVCKHSMVDRGWGNGCGLFGKGGIVTCAMFRCKKNMEGKVVQPENLEYTVVITPHSGEEHAVGNDTGKHGK
EVKITPQSSITEAELTGYGTVTMECSPRTGLDFNEMVLLQMENKAWLVHRQWFLDLPLPWLPGADTQGSNWIQKETLVTF
KNPHAKKQDVVVLGSQEGAMHTALTGATEIQMSSGNLLFTGHLKCRLRMDKLQLKGMSYSMCTGKFKVVKEIAETQHGTI
VIRVQYEGDGSPCKIPFEIMDLEKRHVLGRLITVNPIVTEKDSPVNIEAEPPFGDSYIIIGVEPGQLKLDWFKKG
;
A,B,C
2 'polypeptide(L)'
;FHLTTRNGEPHMIVSRQEKGKSLLFKTEDGVNMCTLMAMDLGELCEDTITYKCPLLRQNEPEDIDCWCNSTSTWVTYGTC
T
;
D,E,F
3 'polypeptide(L)'
;EVKLVESGGGLVLPGGSLRLSCATSGFTFTDYYMTWVRQPPGKALEWLGFIGNKANDYTTEYSASVKGRFTISRDDSQSI
LYLQMSTLRAEDRATYYCATVYGNYPYFDVWGAGTTVAVSSAKTTPPSVYPLAPVCGGTTGSSVTLGCLVKGYFPEPVTL
TWNSGSLSSGVHTFPAVLQSGLYTLSSSVTVTSSTWPSQSITCNVAHPASSTKVDKKIEPR
;
G,I
4 'polypeptide(L)'
;QIVLTQSPAIMSASPGEKVTMTCSASSSVSYMHWYQQKSGTSPKIWIYESSKLASGVPVRFSGSGSGTSYSLTISSMEAE
DVATYYCQQWSSHPHPLTFGAGTKLELKRADAAPTVSIFPPSSEQLTSGGASVVCFLNNFYPKDINVKWKIDGSERQNGV
LNSWTDQDSKDSTYSMSSTLTLTKDEYERHNSYTCEATHKTSTSPIVKSFNRNEC
;
H,J
#
# COMPACT_ATOMS: atom_id res chain seq x y z
CA MET A 1 -49.35 39.50 52.35
CA ARG A 2 -49.07 36.61 49.91
CA CYS A 3 -45.34 37.04 49.30
CA ILE A 4 -44.50 36.27 52.89
CA GLY A 5 -43.04 32.79 53.09
CA ILE A 6 -41.69 32.65 49.54
CA SER A 7 -38.02 32.66 48.93
CA ASN A 8 -37.94 34.32 45.48
CA ARG A 9 -39.48 37.54 46.73
CA ASP A 10 -38.45 40.90 45.84
CA PHE A 11 -38.56 44.07 47.86
CA VAL A 12 -39.16 47.24 45.86
CA GLU A 13 -39.62 50.74 47.47
CA GLY A 14 -41.68 53.45 45.49
CA VAL A 15 -40.82 57.16 45.36
CA SER A 16 -42.79 60.30 46.20
CA SER A 19 -46.07 57.93 42.18
CA TRP A 20 -44.10 55.51 40.01
CA VAL A 21 -42.50 52.21 40.70
CA ASP A 22 -40.80 49.66 38.67
CA ILE A 23 -41.23 45.91 39.16
CA VAL A 24 -40.50 42.60 37.42
CA LEU A 25 -42.73 39.58 37.70
CA GLU A 26 -42.17 35.96 36.71
CA HIS A 27 -43.84 32.67 37.61
CA GLY A 28 -42.56 31.62 41.03
CA SER A 29 -41.32 35.08 41.97
CA CYS A 30 -43.19 37.60 44.10
CA VAL A 31 -42.76 41.29 44.72
CA THR A 32 -43.56 43.49 47.69
CA THR A 33 -43.83 47.20 46.93
CA MET A 34 -43.53 50.06 49.30
CA ALA A 35 -44.19 53.74 48.75
CA LYS A 36 -44.64 55.84 51.87
CA ASN A 37 -48.00 57.28 52.82
CA LYS A 38 -49.02 54.44 50.60
CA PRO A 39 -50.09 50.80 51.24
CA THR A 40 -47.69 47.92 50.95
CA LEU A 41 -48.57 45.58 48.13
CA ASP A 42 -47.70 42.07 47.11
CA PHE A 43 -47.53 41.25 43.42
CA GLU A 44 -47.53 37.85 41.79
CA LEU A 45 -47.88 36.61 38.21
CA ILE A 46 -50.27 33.74 38.55
CA LYS A 47 -51.06 32.84 34.87
CA THR A 48 -50.09 33.39 31.23
CA GLU A 49 -52.75 32.55 28.64
CA ALA A 50 -47.54 32.44 25.70
CA LYS A 51 -50.94 32.19 24.05
CA PRO A 53 -50.26 28.38 21.78
CA ALA A 54 -49.64 27.75 18.08
CA THR A 55 -47.91 24.44 17.33
CA LEU A 56 -44.94 25.04 15.04
CA ARG A 57 -43.60 21.58 14.24
CA LYS A 58 -44.05 18.00 15.39
CA TYR A 59 -40.84 15.95 15.51
CA CYS A 60 -40.87 12.18 15.52
CA ILE A 61 -38.29 10.77 17.96
CA GLU A 62 -39.05 7.06 17.72
CA ALA A 63 -40.45 4.98 14.90
CA LYS A 64 -41.05 1.52 13.53
CA LEU A 65 -40.90 0.08 10.01
CA THR A 66 -43.22 -2.41 8.36
CA ASN A 67 -43.88 -3.85 4.89
CA THR A 68 -40.42 -3.31 3.48
CA THR A 69 -40.54 -3.90 -0.29
CA THR A 70 -37.83 -4.09 -2.93
CA GLU A 71 -37.86 -3.79 -6.72
CA SER A 72 -34.93 -3.77 -9.12
CA ARG A 73 -34.20 -3.79 -12.87
CA CYS A 74 -31.38 -5.11 -15.04
CA PRO A 75 -28.63 -2.95 -16.53
CA THR A 76 -30.10 -1.04 -19.49
CA GLN A 77 -33.76 -1.02 -18.47
CA GLY A 78 -34.09 2.27 -16.60
CA GLU A 79 -35.09 3.14 -13.03
CA PRO A 80 -37.52 0.72 -11.32
CA SER A 81 -40.46 2.02 -9.34
CA LEU A 82 -42.99 1.08 -6.70
CA ASN A 83 -46.40 2.71 -6.41
CA GLU A 84 -45.99 2.98 -2.62
CA GLU A 85 -43.27 5.43 -3.61
CA GLN A 86 -46.28 7.77 -3.99
CA ASP A 87 -47.71 6.92 -0.56
CA LYS A 88 -46.53 9.59 1.89
CA ARG A 89 -46.38 7.07 4.75
CA PHE A 90 -43.36 5.29 3.22
CA VAL A 91 -39.65 6.06 3.24
CA CYS A 92 -37.88 5.05 0.04
CA LYS A 93 -34.44 5.18 -1.51
CA HIS A 94 -33.13 4.70 -5.04
CA SER A 95 -29.77 3.01 -5.61
CA MET A 96 -27.73 0.99 -8.08
CA VAL A 97 -26.59 -2.60 -7.49
CA ASP A 98 -24.55 -5.10 -9.49
CA ARG A 99 -26.66 -7.50 -11.57
CA GLY A 100 -25.93 -10.36 -13.96
CA TRP A 101 -26.61 -13.94 -15.03
CA GLY A 102 -26.61 -15.09 -11.44
CA ASN A 103 -29.73 -13.07 -10.66
CA GLY A 104 -31.84 -13.02 -13.78
CA CYS A 105 -30.17 -10.48 -16.06
CA GLY A 106 -28.79 -10.86 -19.55
CA LEU A 107 -25.96 -8.37 -19.02
CA PHE A 108 -23.52 -7.87 -16.19
CA GLY A 109 -23.54 -4.30 -14.93
CA LYS A 110 -25.22 -1.90 -12.54
CA GLY A 111 -28.98 -2.03 -12.29
CA GLY A 112 -31.56 0.21 -10.69
CA ILE A 113 -33.06 -0.84 -7.37
CA VAL A 114 -35.62 0.80 -5.10
CA THR A 115 -36.78 -0.05 -1.56
CA CYS A 116 -39.65 1.30 0.53
CA ALA A 117 -40.84 0.67 4.06
CA MET A 118 -43.90 2.01 5.81
CA PHE A 119 -42.81 4.51 8.46
CA ARG A 120 -44.82 4.54 11.69
CA CYS A 121 -43.99 7.13 14.36
CA LYS A 122 -44.36 5.77 17.89
CA LYS A 123 -43.29 8.76 19.99
CA ASN A 124 -42.99 12.40 19.00
CA MET A 125 -42.35 15.79 20.55
CA GLU A 126 -43.75 19.18 19.57
CA GLY A 127 -42.45 22.72 19.83
CA LYS A 128 -44.90 25.56 20.34
CA VAL A 129 -44.77 29.31 19.85
CA VAL A 130 -46.01 31.43 22.75
CA GLN A 131 -47.52 34.79 21.76
CA PRO A 132 -45.78 37.65 23.90
CA GLU A 133 -47.59 40.92 22.96
CA ASN A 134 -50.76 38.95 22.32
CA LEU A 135 -50.53 36.71 25.46
CA GLU A 136 -52.75 37.56 28.37
CA TYR A 137 -51.31 37.77 31.83
CA THR A 138 -53.04 37.37 35.15
CA VAL A 139 -51.56 39.11 38.20
CA VAL A 140 -52.64 39.07 41.81
CA ILE A 141 -52.26 42.12 44.00
CA THR A 142 -52.56 41.47 47.72
CA PRO A 143 -52.32 44.57 49.96
CA HIS A 144 -50.66 44.19 53.40
CA SER A 145 -53.92 44.64 55.27
CA GLY A 146 -52.71 42.49 58.17
CA GLU A 147 -55.81 40.28 58.09
CA GLU A 148 -55.68 37.27 60.46
CA HIS A 149 -55.29 34.92 57.51
CA ALA A 150 -53.54 37.14 54.92
CA VAL A 151 -49.93 35.91 55.42
CA GLY A 152 -48.80 33.90 52.40
CA ASN A 153 -52.37 32.86 51.67
CA ASP A 154 -52.17 31.08 48.30
CA THR A 155 -55.88 31.22 47.54
CA GLY A 156 -56.51 34.58 45.95
CA LYS A 157 -59.37 35.81 48.06
CA HIS A 158 -57.18 38.33 49.82
CA GLY A 159 -56.29 39.85 46.50
CA LYS A 160 -57.51 41.26 43.23
CA GLU A 161 -56.77 39.38 40.07
CA VAL A 162 -55.81 41.55 37.16
CA LYS A 163 -55.47 40.60 33.52
CA ILE A 164 -52.86 42.54 31.60
CA THR A 165 -53.72 42.39 28.00
CA PRO A 166 -50.62 43.16 25.99
CA GLN A 167 -53.23 43.97 23.59
CA SER A 168 -55.86 45.76 24.75
CA SER A 169 -53.65 47.78 27.05
CA ILE A 170 -52.91 49.42 30.37
CA THR A 171 -54.86 47.85 33.23
CA GLU A 172 -56.38 49.76 36.15
CA ALA A 173 -57.20 48.32 39.58
CA GLU A 174 -59.76 48.66 42.32
CA LEU A 175 -58.07 48.05 45.65
CA THR A 176 -61.14 48.15 47.86
CA GLY A 177 -60.82 50.55 50.76
CA TYR A 178 -57.43 51.56 49.40
CA GLY A 179 -58.31 53.20 46.12
CA THR A 180 -56.94 52.49 42.72
CA VAL A 181 -53.61 51.52 41.23
CA THR A 182 -52.42 51.29 37.63
CA MET A 183 -50.26 48.95 35.57
CA GLU A 184 -48.31 49.08 32.32
CA CYS A 185 -46.17 46.04 31.63
CA SER A 186 -43.80 44.83 28.95
CA PRO A 187 -43.43 41.14 28.07
CA ARG A 188 -39.74 40.51 28.41
CA THR A 189 -37.52 37.44 27.83
CA GLY A 190 -34.21 36.35 26.50
CA LEU A 191 -34.74 33.47 24.10
CA ASP A 192 -35.78 35.02 20.80
CA GLU A 195 -37.74 34.44 18.64
CA MET A 196 -37.89 31.40 20.92
CA VAL A 197 -39.78 28.10 21.06
CA LEU A 198 -41.17 25.79 23.73
CA LEU A 199 -40.28 22.13 23.31
CA GLN A 200 -42.59 19.49 24.78
CA MET A 201 -41.27 15.98 25.42
CA GLU A 202 -44.13 14.13 27.05
CA ASN A 203 -45.50 16.58 29.64
CA LYS A 204 -42.06 18.04 30.33
CA ALA A 205 -41.12 21.25 28.49
CA TRP A 206 -38.15 23.51 27.77
CA LEU A 207 -37.61 26.94 26.24
CA VAL A 208 -35.32 26.67 23.21
CA HIS A 209 -34.06 29.07 20.56
CA ARG A 210 -35.56 28.93 17.09
CA GLN A 211 -33.47 27.88 14.07
CA TRP A 212 -32.13 25.20 16.41
CA PHE A 213 -35.53 23.62 16.79
CA LEU A 214 -36.02 24.07 13.04
CA ASP A 215 -32.64 22.48 12.30
CA LEU A 216 -33.17 19.33 14.35
CA PRO A 217 -32.37 16.27 12.17
CA LEU A 218 -35.57 14.35 12.84
CA PRO A 219 -38.70 13.53 10.87
CA TRP A 220 -41.33 16.28 11.26
CA LEU A 221 -44.75 17.53 10.23
CA PRO A 222 -46.08 21.08 9.81
CA GLY A 223 -47.81 22.21 13.00
CA ALA A 224 -51.34 22.28 11.58
CA ASP A 225 -51.45 18.51 10.98
CA THR A 226 -53.65 15.78 12.41
CA GLN A 227 -52.89 12.84 10.13
CA GLY A 228 -49.57 12.26 11.84
CA SER A 229 -48.54 10.05 8.94
CA ASN A 230 -46.90 12.08 6.16
CA TRP A 231 -43.58 12.73 7.90
CA ILE A 232 -40.88 14.87 6.29
CA GLN A 233 -37.27 13.66 6.08
CA LYS A 234 -37.89 10.19 7.48
CA GLU A 235 -34.41 9.16 6.32
CA THR A 236 -33.16 10.88 9.46
CA LEU A 237 -34.38 7.85 11.47
CA VAL A 238 -33.86 5.31 8.73
CA THR A 239 -30.81 3.59 7.36
CA PHE A 240 -30.69 1.69 4.10
CA LYS A 241 -28.03 -1.04 4.11
CA ASN A 242 -26.02 -1.74 0.95
CA PRO A 243 -28.42 -3.34 -1.53
CA HIS A 244 -28.31 -6.80 -3.08
CA ALA A 245 -29.45 -7.85 -6.53
CA LYS A 246 -33.10 -8.29 -5.49
CA LYS A 247 -33.43 -7.28 -1.82
CA GLN A 248 -32.20 -4.62 0.54
CA ASP A 249 -32.51 -4.28 4.29
CA VAL A 250 -33.77 -1.17 6.02
CA VAL A 251 -33.37 -0.52 9.74
CA VAL A 252 -34.62 2.33 11.88
CA LEU A 253 -32.56 4.09 14.54
CA GLY A 254 -33.57 3.60 18.14
CA SER A 255 -35.54 6.11 20.21
CA GLN A 256 -33.99 9.55 20.43
CA GLU A 257 -35.79 10.62 23.62
CA GLY A 258 -32.51 10.03 25.44
CA ALA A 259 -30.27 11.73 22.89
CA MET A 260 -32.70 14.62 23.22
CA HIS A 261 -32.88 14.79 27.03
CA THR A 262 -29.14 14.79 27.63
CA ALA A 263 -29.03 17.35 24.78
CA LEU A 264 -31.41 19.86 26.37
CA THR A 265 -29.48 20.05 29.65
CA GLY A 266 -28.68 23.73 30.06
CA ALA A 267 -31.74 25.31 28.45
CA THR A 268 -34.26 26.85 30.86
CA GLU A 269 -36.79 24.22 31.90
CA ILE A 270 -40.44 25.30 31.79
CA GLN A 271 -43.05 24.00 34.21
CA MET A 272 -46.50 23.04 32.95
CA SER A 273 -49.78 21.30 33.70
CA SER A 274 -53.00 20.34 31.95
CA GLY A 275 -51.07 20.78 28.71
CA ASN A 276 -50.57 24.46 29.43
CA LEU A 277 -47.15 26.07 29.87
CA LEU A 278 -46.51 28.19 32.97
CA PHE A 279 -44.24 31.18 33.38
CA THR A 280 -40.58 31.53 30.23
CA GLY A 281 -39.14 34.85 31.22
CA HIS A 282 -40.12 38.17 32.72
CA LEU A 283 -42.77 40.85 32.64
CA LYS A 284 -41.46 44.33 33.40
CA CYS A 285 -44.09 46.65 34.78
CA ARG A 286 -44.58 50.21 35.92
CA LEU A 287 -47.03 51.02 38.74
CA ARG A 288 -48.57 54.38 39.59
CA MET A 289 -50.04 54.74 43.09
CA ASP A 290 -51.10 58.41 43.21
CA LYS A 291 -54.72 57.30 43.24
CA LEU A 292 -54.06 55.01 46.21
CA GLN A 293 -54.18 55.83 49.90
CA LEU A 294 -53.41 54.31 53.29
CA LYS A 295 -56.33 52.89 55.20
CA GLY A 296 -57.41 54.36 58.51
CA MET A 297 -55.37 57.54 58.77
CA SER A 298 -57.80 59.17 61.11
CA TYR A 299 -58.00 56.25 63.41
CA SER A 300 -57.21 56.63 67.02
CA MET A 301 -54.08 55.25 68.57
CA CYS A 302 -54.94 51.95 70.25
CA THR A 303 -54.72 52.58 73.97
CA GLY A 304 -55.56 49.10 75.25
CA LYS A 305 -53.16 46.18 75.51
CA PHE A 306 -52.19 43.47 73.08
CA LYS A 307 -51.41 39.81 73.37
CA VAL A 308 -49.14 37.78 71.13
CA VAL A 309 -51.45 35.31 69.45
CA LYS A 310 -48.83 33.80 67.18
CA GLU A 311 -45.11 34.29 67.59
CA ILE A 312 -42.46 36.48 66.01
CA ALA A 313 -41.12 34.27 63.25
CA GLU A 314 -38.35 35.27 60.86
CA THR A 315 -38.81 35.11 57.06
CA GLN A 316 -36.08 34.12 54.65
CA HIS A 317 -35.26 37.79 54.09
CA GLY A 318 -34.55 39.07 57.53
CA THR A 319 -38.06 40.34 58.16
CA ILE A 320 -40.14 39.17 61.15
CA VAL A 321 -43.88 38.44 61.24
CA ILE A 322 -45.97 38.69 64.41
CA ARG A 323 -49.67 38.25 65.10
CA VAL A 324 -51.21 40.08 67.97
CA GLN A 325 -54.68 40.47 69.37
CA TYR A 326 -56.11 43.71 70.75
CA GLU A 327 -57.90 43.56 74.04
CA GLY A 328 -58.40 47.28 74.52
CA ASP A 329 -61.66 49.15 74.03
CA GLY A 330 -60.92 51.60 71.20
CA SER A 331 -61.31 49.74 67.84
CA PRO A 332 -61.10 50.78 65.04
CA CYS A 333 -57.64 52.07 65.91
CA LYS A 334 -53.97 52.22 64.82
CA ILE A 335 -51.49 49.84 66.44
CA PRO A 336 -48.60 51.55 68.31
CA PHE A 337 -45.62 49.79 66.77
CA GLU A 338 -41.95 50.66 67.11
CA ILE A 339 -38.63 48.84 66.99
CA MET A 340 -35.98 50.19 69.36
CA ASP A 341 -32.37 49.49 70.23
CA LEU A 342 -30.87 48.26 73.51
CA GLU A 343 -30.52 51.62 75.47
CA LYS A 344 -34.26 51.96 75.05
CA ARG A 345 -34.29 55.15 72.93
CA HIS A 346 -33.56 55.33 69.20
CA VAL A 347 -35.92 53.69 66.63
CA LEU A 348 -34.01 51.14 64.50
CA GLY A 349 -36.55 49.41 62.33
CA ARG A 350 -39.08 49.98 59.58
CA LEU A 351 -42.49 48.43 59.11
CA ILE A 352 -43.22 46.44 55.98
CA THR A 353 -46.91 46.13 56.89
CA VAL A 354 -47.37 49.87 57.12
CA ASN A 355 -50.05 51.55 59.22
CA PRO A 356 -51.09 48.50 61.28
CA ILE A 357 -54.70 48.87 62.53
CA VAL A 358 -57.13 46.87 64.67
CA THR A 359 -60.45 46.40 62.93
CA GLU A 360 -62.29 44.12 65.36
CA LYS A 361 -61.61 43.26 69.00
CA ASP A 362 -61.34 39.53 68.41
CA SER A 363 -59.73 39.44 64.95
CA PRO A 364 -55.93 39.10 65.15
CA VAL A 365 -53.63 41.33 63.11
CA ASN A 366 -50.47 40.26 61.32
CA ILE A 367 -47.55 42.67 61.06
CA GLU A 368 -44.33 42.26 59.12
CA ALA A 369 -41.41 44.40 60.10
CA GLU A 370 -37.77 44.72 59.23
CA PRO A 371 -35.72 44.77 62.46
CA PRO A 372 -32.09 45.90 62.42
CA PHE A 373 -29.29 43.36 62.53
CA GLY A 374 -28.60 41.91 65.92
CA ASP A 375 -30.37 42.91 69.14
CA SER A 376 -33.51 44.96 68.91
CA TYR A 377 -36.86 45.57 70.60
CA ILE A 378 -40.37 45.06 69.39
CA ILE A 379 -42.62 47.35 71.40
CA ILE A 380 -46.30 46.79 70.75
CA GLY A 381 -48.89 49.12 72.20
CA VAL A 382 -48.44 51.78 74.83
CA GLU A 383 -47.99 51.45 78.58
CA PRO A 384 -49.79 50.06 80.66
CA GLY A 385 -48.97 46.46 79.68
CA GLN A 386 -47.03 47.48 76.64
CA LEU A 387 -45.43 44.46 74.92
CA LYS A 388 -41.60 44.55 74.79
CA LEU A 389 -40.27 41.62 72.82
CA ASP A 390 -36.61 40.66 72.39
CA TRP A 391 -35.23 39.91 68.99
CA PHE A 392 -31.84 39.01 67.61
CA LYS A 393 -31.21 39.23 63.92
CA LYS A 394 -29.38 36.60 61.93
CA GLY A 395 -25.78 37.16 60.88
CA MET B 1 -11.61 39.39 -39.47
CA ARG B 2 -11.05 36.40 -37.20
CA CYS B 3 -11.07 38.42 -33.97
CA ILE B 4 -14.64 39.48 -34.46
CA GLY B 5 -16.82 37.54 -32.06
CA ILE B 6 -14.17 36.89 -29.43
CA SER B 7 -14.37 38.54 -26.12
CA ASN B 8 -10.66 38.70 -25.22
CA ARG B 9 -9.80 40.90 -28.18
CA ASP B 10 -7.58 43.76 -28.16
CA PHE B 11 -7.69 46.90 -30.23
CA VAL B 12 -4.30 48.42 -31.04
CA GLU B 13 -3.84 51.50 -33.35
CA GLY B 14 -0.40 51.92 -35.24
CA VAL B 15 1.38 55.23 -35.78
CA SER B 16 2.63 57.00 -38.91
CA SER B 19 5.49 52.08 -39.17
CA TRP B 20 5.73 50.42 -35.77
CA VAL B 21 3.19 48.87 -33.52
CA ASP B 22 3.30 47.01 -30.34
CA ILE B 23 1.10 44.00 -29.56
CA VAL B 24 0.78 41.16 -27.05
CA LEU B 25 -0.52 37.74 -27.95
CA GLU B 26 -1.59 34.82 -25.78
CA HIS B 27 -3.67 31.68 -26.36
CA GLY B 28 -7.32 32.68 -26.31
CA SER B 29 -6.64 36.38 -26.89
CA CYS B 30 -6.81 38.16 -30.24
CA VAL B 31 -5.58 41.50 -31.47
CA THR B 32 -6.84 43.86 -34.14
CA THR B 33 -4.30 46.39 -35.38
CA MET B 34 -4.94 49.62 -37.12
CA ALA B 35 -2.51 51.99 -38.77
CA LYS B 36 -4.01 54.51 -41.19
CA ASN B 37 -3.43 54.26 -44.91
CA LYS B 38 -2.77 50.74 -43.83
CA PRO B 39 -4.91 47.55 -43.69
CA THR B 40 -6.58 46.39 -40.53
CA LEU B 41 -5.18 43.12 -39.27
CA ASP B 42 -6.23 40.44 -36.86
CA PHE B 43 -3.56 38.60 -34.92
CA GLU B 44 -3.88 35.36 -33.03
CA LEU B 45 -1.40 32.97 -31.41
CA ILE B 46 -2.64 29.60 -32.53
CA LYS B 47 0.17 27.21 -31.36
CA THR B 48 3.33 26.87 -29.26
CA GLU B 49 5.64 23.98 -30.13
CA ALA B 50 9.21 23.90 -24.95
CA LYS B 51 10.85 22.27 -27.93
CA PRO B 53 12.43 20.03 -24.48
CA ALA B 54 15.22 17.68 -23.38
CA THR B 55 14.02 14.70 -21.31
CA LEU B 56 16.09 14.44 -18.14
CA ARG B 57 14.89 11.26 -16.46
CA LYS B 58 12.07 8.74 -16.76
CA TYR B 59 10.69 7.47 -13.45
CA CYS B 60 8.73 4.26 -13.19
CA ILE B 61 5.74 4.64 -10.82
CA GLU B 62 4.07 1.26 -11.27
CA ALA B 63 5.48 -2.13 -12.15
CA LYS B 64 4.90 -5.84 -12.29
CA LEU B 65 7.14 -8.84 -11.61
CA THR B 66 7.40 -12.10 -13.51
CA ASN B 67 9.64 -15.18 -13.63
CA THR B 68 10.91 -14.99 -10.07
CA THR B 69 13.82 -17.42 -9.69
CA THR B 70 15.78 -18.59 -6.66
CA GLU B 71 19.17 -20.26 -6.25
CA SER B 72 21.04 -21.09 -3.06
CA ARG B 73 24.18 -22.92 -1.87
CA CYS B 74 25.16 -24.79 1.29
CA PRO B 75 27.36 -23.35 4.02
CA THR B 76 30.98 -23.42 2.79
CA GLN B 77 30.36 -23.36 -0.96
CA GLY B 78 30.49 -19.66 -1.78
CA GLU B 79 27.96 -17.23 -3.27
CA PRO B 80 25.42 -18.72 -5.69
CA SER B 81 24.60 -17.00 -8.95
CA LEU B 82 22.02 -16.78 -11.70
CA ASN B 83 22.84 -15.67 -15.24
CA GLU B 84 19.75 -13.47 -15.31
CA GLU B 85 21.67 -11.53 -12.69
CA GLN B 86 23.40 -10.13 -15.80
CA ASP B 87 20.14 -9.28 -17.57
CA LYS B 88 19.36 -5.61 -16.91
CA ARG B 89 15.60 -6.29 -16.93
CA PHE B 90 15.79 -8.18 -13.60
CA VAL B 91 15.93 -7.05 -10.00
CA CYS B 92 18.01 -9.30 -7.77
CA LYS B 93 19.18 -9.54 -4.19
CA HIS B 94 21.84 -11.57 -2.42
CA SER B 95 21.23 -12.86 1.10
CA MET B 96 22.14 -15.58 3.57
CA VAL B 97 19.72 -18.18 4.91
CA ASP B 98 19.98 -21.07 7.36
CA ARG B 99 20.64 -24.44 5.71
CA GLY B 100 21.14 -28.00 6.94
CA TRP B 101 20.25 -31.69 6.68
CA GLY B 102 16.59 -30.83 6.33
CA ASN B 103 17.17 -29.12 2.99
CA GLY B 104 20.00 -30.93 1.28
CA CYS B 105 23.15 -29.71 3.02
CA GLY B 106 25.83 -31.64 4.84
CA LEU B 107 26.49 -28.89 7.39
CA PHE B 108 24.17 -26.71 9.41
CA GLY B 109 24.96 -23.03 8.97
CA LYS B 110 24.28 -19.99 6.83
CA GLY B 111 24.25 -20.45 3.08
CA GLY B 112 24.23 -18.06 0.16
CA ILE B 113 20.94 -17.46 -1.65
CA VAL B 114 20.03 -15.23 -4.59
CA THR B 115 16.66 -14.32 -6.11
CA CYS B 116 15.75 -12.48 -9.30
CA ALA B 117 12.50 -11.37 -10.86
CA MET B 118 11.91 -9.72 -14.22
CA PHE B 119 10.88 -6.10 -13.65
CA ARG B 120 8.27 -4.70 -16.04
CA CYS B 121 7.30 -1.02 -15.74
CA LYS B 122 3.59 -0.43 -16.44
CA LYS B 123 3.30 3.33 -15.86
CA ASN B 124 6.02 5.96 -15.73
CA MET B 125 6.41 9.71 -15.54
CA GLU B 126 9.10 11.92 -17.07
CA GLY B 127 10.64 15.21 -16.09
CA LYS B 128 11.84 17.58 -18.78
CA VAL B 129 14.20 20.53 -18.89
CA VAL B 130 12.91 23.65 -20.65
CA GLN B 131 15.61 25.82 -22.26
CA PRO B 132 10.78 29.89 -24.17
CA GLU B 133 13.56 31.23 -26.48
CA ASN B 134 13.76 27.84 -28.16
CA LEU B 135 9.94 27.29 -28.45
CA GLU B 136 8.35 27.83 -31.81
CA TYR B 137 5.25 29.94 -32.09
CA THR B 138 2.59 29.88 -34.75
CA VAL B 139 0.59 33.07 -35.39
CA VAL B 140 -2.27 33.73 -37.75
CA ILE B 141 -2.68 37.08 -39.43
CA THR B 142 -6.09 37.71 -40.97
CA PRO B 143 -6.48 41.06 -42.80
CA HIS B 144 -9.90 42.78 -42.67
CA SER B 145 -10.61 42.14 -46.34
CA GLY B 146 -14.36 42.06 -45.74
CA GLU B 147 -14.78 38.71 -47.52
CA GLU B 148 -18.31 37.22 -47.29
CA HIS B 149 -17.07 34.55 -44.91
CA ALA B 150 -14.12 36.28 -43.19
CA VAL B 151 -15.87 37.31 -39.92
CA GLY B 152 -14.55 35.25 -37.02
CA ASN B 153 -13.74 32.37 -39.34
CA ASP B 154 -11.82 29.90 -37.16
CA THR B 155 -10.37 27.87 -40.00
CA GLY B 156 -7.22 29.66 -41.09
CA LYS B 157 -7.84 29.90 -44.79
CA HIS B 158 -8.49 33.62 -44.58
CA GLY B 159 -5.11 34.11 -43.02
CA LYS B 160 -1.41 33.49 -43.22
CA GLU B 161 0.18 31.28 -40.63
CA VAL B 162 3.51 32.48 -39.41
CA LYS B 163 6.06 30.63 -37.30
CA ILE B 164 8.13 32.82 -35.00
CA THR B 165 11.26 31.03 -34.21
CA PRO B 166 12.72 32.52 -31.06
CA GLN B 167 15.66 31.00 -32.56
CA SER B 168 16.11 31.48 -35.88
CA SER B 169 14.72 34.99 -35.70
CA ILE B 170 12.59 37.81 -37.03
CA THR B 171 9.79 36.58 -39.27
CA GLU B 172 8.57 38.32 -42.42
CA ALA B 173 5.12 37.96 -44.00
CA GLU B 174 3.49 37.88 -47.39
CA LEU B 175 0.05 39.40 -47.11
CA THR B 176 -1.17 38.68 -50.62
CA GLY B 177 -2.50 41.74 -52.41
CA TYR B 178 -1.51 43.80 -49.37
CA GLY B 179 2.24 43.51 -49.36
CA THR B 180 4.49 42.46 -46.55
CA VAL B 181 4.61 42.88 -42.81
CA THR B 182 7.29 42.04 -40.25
CA MET B 183 7.44 40.59 -36.77
CA GLU B 184 9.85 40.55 -33.84
CA CYS B 185 8.51 38.98 -30.67
CA SER B 186 9.71 38.31 -27.16
CA PRO B 187 8.53 35.28 -25.16
CA ARG B 188 7.19 36.77 -21.98
CA THR B 189 5.72 35.27 -18.77
CA GLY B 190 5.64 35.63 -15.06
CA LEU B 191 6.35 32.25 -13.49
CA ASP B 192 10.10 31.81 -13.57
CA GLU B 195 17.43 25.19 -12.17
CA MET B 196 13.92 23.75 -12.37
CA VAL B 197 12.21 20.78 -14.01
CA LEU B 198 8.83 19.99 -15.53
CA LEU B 199 7.22 16.77 -14.32
CA GLN B 200 4.75 14.98 -16.58
CA MET B 201 2.30 12.49 -15.08
CA GLU B 202 0.13 11.37 -17.98
CA ASN B 203 -0.71 14.59 -19.84
CA LYS B 204 -0.77 16.64 -16.63
CA ALA B 205 2.41 18.55 -15.73
CA TRP B 206 4.01 20.49 -12.87
CA LEU B 207 7.06 22.70 -12.42
CA VAL B 208 9.35 21.22 -9.75
CA HIS B 209 12.77 22.08 -8.36
CA ARG B 210 15.75 20.00 -9.41
CA GLN B 211 17.63 17.84 -6.90
CA TRP B 212 14.17 16.93 -5.64
CA PHE B 213 13.24 15.33 -8.93
CA LEU B 214 16.70 13.74 -8.99
CA ASP B 215 16.29 12.46 -5.44
CA LEU B 216 12.94 10.75 -5.97
CA PRO B 217 13.15 7.14 -4.68
CA LEU B 218 11.79 5.44 -7.78
CA PRO B 219 13.25 3.33 -10.58
CA TRP B 220 14.52 5.53 -13.43
CA LEU B 221 16.27 5.62 -16.78
CA PRO B 222 18.56 8.25 -18.32
CA GLY B 223 16.55 10.62 -20.51
CA ALA B 224 18.02 9.49 -23.84
CA ASP B 225 16.58 5.98 -23.58
CA THR B 226 14.08 4.08 -25.73
CA GLN B 227 14.45 0.53 -24.47
CA GLY B 228 12.48 1.34 -21.35
CA SER B 229 13.73 -1.90 -19.80
CA ASN B 230 17.05 -1.37 -17.99
CA TRP B 231 15.68 0.50 -14.97
CA ILE B 232 17.99 1.85 -12.28
CA GLN B 233 17.30 1.18 -8.57
CA LYS B 234 14.35 -1.14 -9.09
CA GLU B 235 14.57 -2.16 -5.43
CA THR B 236 12.70 1.06 -4.71
CA LEU B 237 9.50 -0.64 -5.94
CA VAL B 238 10.49 -4.14 -4.90
CA THR B 239 10.55 -5.90 -1.57
CA PHE B 240 12.34 -9.16 -0.90
CA LYS B 241 10.74 -11.14 1.94
CA ASN B 242 12.93 -13.09 4.35
CA PRO B 243 14.36 -16.02 2.41
CA HIS B 244 13.87 -19.73 2.98
CA ALA B 245 16.35 -22.53 2.37
CA LYS B 246 15.48 -22.85 -1.34
CA LYS B 247 12.88 -20.17 -2.20
CA GLN B 248 12.19 -16.54 -1.49
CA ASP B 249 9.19 -14.39 -2.27
CA VAL B 250 9.42 -11.02 -3.97
CA VAL B 251 6.55 -8.52 -4.09
CA VAL B 252 6.29 -5.17 -5.80
CA LEU B 253 4.82 -2.04 -4.22
CA GLY B 254 1.57 -0.76 -5.63
CA SER B 255 1.22 2.17 -8.01
CA GLN B 256 2.73 5.42 -6.78
CA GLU B 257 0.69 7.72 -9.03
CA GLY B 258 -1.39 8.56 -5.97
CA ALA B 259 1.51 9.01 -3.57
CA MET B 260 2.91 11.32 -6.23
CA HIS B 261 -0.25 13.38 -6.89
CA THR B 262 -0.99 14.17 -3.27
CA ALA B 263 2.75 14.91 -3.00
CA LEU B 264 2.86 17.55 -5.75
CA THR B 265 0.03 19.62 -4.26
CA GLY B 266 1.54 23.07 -3.80
CA ALA B 267 3.94 23.20 -6.75
CA THR B 268 2.86 25.42 -9.65
CA GLU B 269 0.77 23.37 -12.09
CA ILE B 270 1.66 23.76 -15.76
CA GLN B 271 -0.91 23.56 -18.55
CA MET B 272 -0.10 21.66 -21.73
CA SER B 273 -1.43 20.12 -24.93
CA SER B 274 -0.23 18.00 -27.83
CA GLY B 275 2.62 16.97 -25.56
CA ASN B 276 3.90 20.55 -25.43
CA LEU B 277 4.13 22.58 -22.24
CA LEU B 278 2.55 26.03 -22.13
CA PHE B 279 3.61 29.08 -20.17
CA THR B 280 1.36 29.88 -20.20
CA GLY B 281 1.89 33.58 -20.59
CA HIS B 282 2.47 36.22 -23.22
CA LEU B 283 4.40 36.96 -26.37
CA LYS B 284 5.22 40.64 -26.84
CA CYS B 285 5.74 41.62 -30.44
CA ARG B 286 6.64 44.58 -32.59
CA LEU B 287 5.15 44.94 -36.09
CA ARG B 288 6.41 47.11 -38.93
CA MET B 289 3.92 47.87 -41.74
CA ASP B 290 5.87 50.27 -43.98
CA LYS B 291 6.00 47.57 -46.64
CA LEU B 292 2.23 47.13 -46.48
CA GLN B 293 -0.46 48.99 -48.38
CA LEU B 294 -4.23 49.35 -48.58
CA LYS B 295 -5.96 47.40 -51.30
CA GLY B 296 -7.81 49.17 -54.08
CA MET B 297 -6.85 52.81 -53.62
CA SER B 298 -7.54 53.66 -57.20
CA TYR B 299 -10.89 52.06 -57.25
CA SER B 300 -13.91 54.00 -58.21
CA MET B 301 -16.53 55.04 -55.73
CA CYS B 302 -19.42 52.58 -55.95
CA THR B 303 -22.29 54.48 -57.51
CA GLY B 304 -24.93 51.74 -57.49
CA LYS B 305 -27.10 50.75 -54.54
CA PHE B 306 -26.57 48.26 -51.75
CA LYS B 307 -28.80 45.86 -49.91
CA VAL B 308 -28.36 44.64 -46.35
CA VAL B 309 -27.72 40.93 -46.71
CA LYS B 310 -27.06 40.27 -43.05
CA GLU B 311 -27.92 42.69 -40.27
CA ILE B 312 -26.02 45.22 -38.19
CA ALA B 313 -25.05 43.20 -35.14
CA GLU B 314 -23.09 44.56 -32.20
CA THR B 315 -19.87 42.90 -30.98
CA GLN B 316 -18.86 42.66 -27.35
CA HIS B 317 -16.73 45.77 -27.75
CA GLY B 318 -19.14 48.34 -29.03
CA THR B 319 -18.34 47.78 -32.68
CA ILE B 320 -21.04 46.83 -35.23
CA VAL B 321 -20.74 44.40 -38.14
CA ILE B 322 -22.87 44.63 -41.28
CA ARG B 323 -22.93 42.65 -44.50
CA VAL B 324 -24.13 44.30 -47.63
CA GLN B 325 -24.44 43.35 -51.25
CA TYR B 326 -23.70 45.64 -54.18
CA GLU B 327 -26.20 45.76 -56.98
CA GLY B 328 -24.67 48.61 -58.91
CA ASP B 329 -22.67 48.27 -62.12
CA GLY B 330 -19.20 49.59 -61.23
CA SER B 331 -17.22 46.77 -59.52
CA PRO B 332 -14.39 46.73 -58.56
CA CYS B 333 -15.16 49.80 -56.48
CA LYS B 334 -14.90 51.40 -53.01
CA ILE B 335 -17.94 51.34 -50.74
CA PRO B 336 -19.25 54.81 -49.70
CA PHE B 337 -19.41 54.39 -45.93
CA GLU B 338 -20.00 57.04 -43.30
CA ILE B 339 -21.46 57.26 -39.82
CA MET B 340 -23.31 60.49 -39.05
CA ASP B 341 -25.12 62.06 -36.13
CA LEU B 342 -28.79 62.98 -35.77
CA GLU B 343 -28.85 66.50 -37.48
CA LYS B 344 -27.58 64.72 -40.57
CA ARG B 345 -24.19 66.49 -40.87
CA HIS B 346 -21.10 65.71 -38.79
CA VAL B 347 -19.27 62.33 -39.13
CA LEU B 348 -19.13 60.55 -35.74
CA GLY B 349 -17.64 57.15 -36.37
CA ARG B 350 -14.55 55.37 -37.57
CA LEU B 351 -14.24 52.24 -39.69
CA ILE B 352 -12.45 49.23 -38.31
CA THR B 353 -12.63 47.43 -41.65
CA VAL B 354 -10.88 50.23 -43.48
CA ASN B 355 -11.27 50.93 -47.19
CA PRO B 356 -14.33 48.69 -47.82
CA ILE B 357 -14.49 47.60 -51.49
CA VAL B 358 -16.81 45.52 -53.67
CA THR B 359 -14.90 42.87 -55.58
CA GLU B 360 -17.73 40.97 -57.31
CA LYS B 361 -21.36 41.91 -57.91
CA ASP B 362 -22.78 38.89 -56.11
CA SER B 363 -20.21 38.44 -53.31
CA PRO B 364 -21.31 40.17 -50.07
CA VAL B 365 -18.94 42.38 -48.11
CA ASN B 366 -18.59 42.52 -44.35
CA ILE B 367 -17.75 45.81 -42.65
CA GLU B 368 -16.95 46.45 -39.02
CA ALA B 369 -17.29 49.96 -37.74
CA GLU B 370 -17.13 51.75 -34.43
CA PRO B 371 -20.23 53.95 -34.07
CA PRO B 372 -20.36 56.67 -31.41
CA PHE B 373 -22.28 56.12 -28.19
CA GLY B 374 -26.01 56.49 -28.48
CA ASP B 375 -27.87 57.50 -31.64
CA SER B 376 -26.02 57.46 -34.91
CA TYR B 377 -26.48 56.83 -38.64
CA ILE B 378 -25.02 54.22 -40.90
CA ILE B 379 -25.13 55.59 -44.43
CA ILE B 380 -24.12 53.06 -47.06
CA GLY B 381 -23.68 54.08 -50.66
CA VAL B 382 -24.66 57.31 -52.31
CA GLU B 383 -28.08 58.58 -53.35
CA PRO B 384 -30.18 57.29 -55.21
CA GLY B 385 -31.30 54.53 -52.83
CA GLN B 386 -28.61 55.27 -50.32
CA LEU B 387 -28.98 53.10 -47.20
CA LYS B 388 -29.59 55.06 -43.96
CA LEU B 389 -29.64 52.75 -40.98
CA ASP B 390 -30.48 53.69 -37.39
CA TRP B 391 -28.26 52.62 -34.58
CA PHE B 392 -28.22 53.15 -30.85
CA LYS B 393 -25.12 52.36 -28.89
CA LYS B 394 -25.12 50.54 -25.58
CA GLY B 395 -24.67 52.42 -22.34
CA MET C 1 42.17 10.21 54.63
CA ARG C 2 39.99 8.67 51.94
CA CYS C 3 39.78 11.82 49.82
CA ILE C 4 43.48 11.82 49.16
CA GLY C 5 44.07 10.70 45.60
CA ILE C 6 40.72 11.79 44.20
CA SER C 7 40.52 14.64 41.80
CA ASN C 8 37.00 15.91 42.58
CA ARG C 9 37.84 16.75 46.17
CA ASP C 10 36.84 19.72 47.99
CA PHE C 11 38.61 21.58 50.72
CA VAL C 12 36.34 23.26 53.28
CA GLU C 13 37.64 25.07 56.44
CA GLY C 14 35.27 25.32 59.57
CA VAL C 15 34.97 28.36 61.83
CA SER C 16 35.36 28.83 65.58
CA SER C 19 31.18 24.97 65.35
CA TRP C 20 29.41 25.01 61.99
CA VAL C 21 30.51 24.10 58.55
CA ASP C 22 28.86 23.85 55.26
CA ILE C 23 29.56 21.08 52.74
CA VAL C 24 28.15 19.60 49.52
CA LEU C 25 28.39 15.95 48.66
CA GLU C 26 27.71 14.08 45.43
CA HIS C 27 28.66 10.65 44.07
CA GLY C 28 32.26 10.82 42.90
CA SER C 29 33.10 13.96 44.87
CA CYS C 30 34.82 14.06 48.25
CA VAL C 31 35.22 16.72 50.87
CA THR C 32 37.93 17.40 53.43
CA THR C 33 36.89 19.60 56.34
CA MET C 34 39.06 21.57 58.62
CA ALA C 35 38.19 23.44 61.78
CA LYS C 36 41.09 24.33 64.07
CA ASN C 37 41.55 22.63 67.41
CA LYS C 38 39.44 20.12 65.60
CA PRO C 39 40.21 16.94 63.59
CA THR C 40 40.39 16.94 59.83
CA LEU C 41 37.65 14.88 58.26
CA ASP C 42 36.98 13.34 54.89
CA PHE C 43 33.40 13.10 53.70
CA GLU C 44 32.02 10.99 50.89
CA LEU C 45 28.52 10.08 49.72
CA ILE C 46 28.79 6.39 49.09
CA LYS C 47 25.11 5.34 48.44
CA THR C 48 21.58 6.60 47.79
CA GLU C 49 18.76 4.13 48.51
CA ALA C 50 14.73 7.82 45.66
CA LYS C 51 11.87 6.52 47.74
CA PRO C 53 10.20 6.85 43.67
CA ALA C 54 6.94 6.99 41.71
CA THR C 55 6.87 4.75 38.62
CA LEU C 56 5.73 6.77 35.61
CA ARG C 57 5.47 4.24 32.79
CA LYS C 58 6.45 0.65 32.06
CA TYR C 59 7.70 0.02 28.52
CA CYS C 60 7.73 -3.43 26.98
CA ILE C 61 10.95 -4.03 24.98
CA GLU C 62 10.50 -7.66 24.02
CA ALA C 63 7.38 -9.75 23.47
CA LYS C 64 5.94 -12.93 22.10
CA LEU C 65 2.70 -13.73 20.27
CA THR C 66 0.39 -16.70 20.71
CA ASN C 67 -3.09 -17.81 19.57
CA THR C 68 -3.23 -15.77 16.38
CA THR C 69 -6.80 -15.86 15.05
CA THR C 70 -8.35 -14.63 11.82
CA GLU C 71 -11.92 -13.87 10.77
CA SER C 72 -13.18 -12.40 7.50
CA ARG C 73 -16.43 -11.63 5.68
CA CYS C 74 -17.49 -11.45 2.04
CA PRO C 75 -17.97 -8.21 0.11
CA THR C 76 -21.28 -6.65 1.21
CA GLN C 77 -21.57 -8.20 4.66
CA GLY C 78 -19.97 -5.59 6.90
CA GLU C 79 -16.98 -5.65 9.24
CA PRO C 80 -16.18 -9.02 10.87
CA SER C 81 -15.35 -9.25 14.55
CA LEU C 82 -13.72 -11.45 17.15
CA ASN C 83 -14.64 -11.33 20.83
CA GLU C 84 -10.95 -11.42 21.80
CA GLU C 85 -10.97 -7.99 20.17
CA GLN C 86 -12.39 -7.00 23.58
CA ASP C 87 -9.65 -8.77 25.54
CA LYS C 88 -6.97 -6.20 26.42
CA ARG C 89 -4.21 -8.83 26.16
CA PHE C 90 -4.59 -9.05 22.36
CA VAL C 91 -3.30 -6.91 19.52
CA CYS C 92 -5.67 -6.72 16.57
CA LYS C 93 -5.97 -5.05 13.19
CA HIS C 94 -8.81 -4.51 10.76
CA SER C 95 -8.17 -4.66 7.02
CA MET C 96 -9.76 -5.39 3.65
CA VAL C 97 -8.78 -8.28 1.39
CA ASP C 98 -9.92 -9.50 -2.03
CA ARG C 99 -12.56 -12.23 -1.87
CA GLY C 100 -14.53 -14.24 -4.44
CA TRP C 101 -15.74 -17.63 -5.68
CA GLY C 102 -12.35 -19.15 -5.00
CA ASN C 103 -12.71 -18.63 -1.26
CA GLY C 104 -16.36 -19.00 -0.43
CA CYS C 105 -17.96 -15.73 -1.53
CA GLY C 106 -20.76 -15.08 -3.97
CA LEU C 107 -19.32 -11.77 -5.20
CA PHE C 108 -15.82 -10.75 -6.17
CA GLY C 109 -14.69 -7.67 -4.29
CA LYS C 110 -13.05 -6.45 -1.11
CA GLY C 111 -14.11 -8.06 2.14
CA GLY C 112 -13.53 -7.25 5.77
CA ILE C 113 -10.91 -9.22 7.68
CA VAL C 114 -9.67 -9.03 11.26
CA THR C 115 -6.76 -10.72 13.02
CA CYS C 116 -5.79 -10.89 16.69
CA ALA C 117 -2.87 -12.40 18.57
CA MET C 118 -2.30 -12.60 22.30
CA PHE C 119 0.53 -10.25 23.24
CA ARG C 120 2.88 -11.43 26.00
CA CYS C 121 5.63 -9.09 27.20
CA LYS C 122 8.85 -10.94 28.08
CA LYS C 123 11.15 -8.07 29.07
CA ASN C 124 10.27 -4.50 29.99
CA MET C 125 11.90 -1.37 31.34
CA GLU C 126 10.47 1.30 33.62
CA GLY C 127 11.10 4.99 34.05
CA LYS C 128 10.72 6.55 37.47
CA VAL C 129 10.26 10.09 38.75
CA VAL C 130 12.51 11.14 41.61
CA GLN C 131 11.04 13.76 43.96
CA PRO C 132 14.51 12.94 47.40
CA GLU C 133 13.15 13.69 50.93
CA ASN C 134 12.27 10.03 51.34
CA LEU C 135 15.58 8.64 49.88
CA GLU C 136 18.15 7.35 52.30
CA TYR C 137 21.73 8.46 51.98
CA THR C 138 24.85 6.73 53.18
CA VAL C 139 27.93 8.86 53.96
CA VAL C 140 31.39 7.84 55.05
CA ILE C 141 33.38 10.00 57.42
CA THR C 142 37.09 9.21 57.58
CA PRO C 143 39.13 11.29 60.08
CA HIS C 144 42.74 12.17 59.17
CA SER C 145 44.20 9.89 61.81
CA GLY C 146 47.35 9.31 59.77
CA GLU C 147 47.07 5.52 60.03
CA GLU C 148 49.66 3.60 57.95
CA HIS C 149 46.94 2.50 55.53
CA ALA C 150 44.41 5.37 55.80
CA VAL C 151 45.40 7.34 52.63
CA GLY C 152 42.67 7.03 50.01
CA ASN C 153 41.62 3.66 51.39
CA ASP C 154 38.43 2.81 49.47
CA THR C 155 37.24 0.10 51.84
CA GLY C 156 35.36 1.83 54.60
CA LYS C 157 37.05 0.34 57.62
CA HIS C 158 38.86 3.57 58.38
CA GLY C 159 35.57 5.36 58.55
CA LYS C 160 32.10 5.47 60.00
CA GLU C 161 29.18 4.96 57.70
CA VAL C 162 26.25 7.21 58.39
CA LYS C 163 22.74 7.01 56.99
CA ILE C 164 20.99 10.34 56.58
CA THR C 165 17.34 9.73 56.56
CA PRO C 166 15.65 12.69 54.93
CA GLN C 167 12.92 11.29 56.90
CA SER C 168 13.65 10.38 60.08
CA SER C 169 16.05 13.28 60.51
CA ILE C 170 19.30 14.75 61.71
CA THR C 171 22.03 12.14 62.11
CA GLU C 172 24.61 12.08 64.89
CA ALA C 173 28.03 10.38 64.74
CA GLU C 174 30.43 8.53 66.96
CA LEU C 175 33.95 9.29 65.85
CA THR C 176 35.80 6.91 68.13
CA GLY C 177 38.55 8.58 70.13
CA TYR C 178 37.50 11.89 68.59
CA GLY C 179 34.05 12.40 69.99
CA THR C 180 30.87 13.13 68.14
CA VAL C 181 29.84 15.12 65.12
CA THR C 182 26.41 16.04 63.72
CA MET C 183 24.78 16.27 60.32
CA GLU C 184 21.78 17.98 58.78
CA CYS C 185 21.53 17.70 55.01
CA SER C 186 19.22 18.85 52.27
CA PRO C 187 18.66 16.80 49.09
CA ARG C 188 19.44 19.21 46.32
CA THR C 189 19.33 18.96 42.50
CA GLY C 190 18.46 20.86 39.40
CA LEU C 191 16.22 18.70 37.25
CA ASP C 192 12.74 19.03 38.67
CA GLU C 195 11.47 17.66 34.47
CA MET C 196 13.60 14.54 34.09
CA VAL C 197 13.12 10.78 34.38
CA LEU C 198 15.18 7.79 35.47
CA LEU C 199 15.13 4.85 33.06
CA GLN C 200 15.76 1.35 34.41
CA MET C 201 16.86 -1.42 32.04
CA GLU C 202 17.42 -4.44 34.24
CA ASN C 203 19.35 -3.08 37.24
CA LYS C 204 21.16 -0.50 35.13
CA ALA C 205 19.71 3.02 35.07
CA TRP C 206 20.03 6.35 33.23
CA LEU C 207 18.74 9.88 33.70
CA VAL C 208 16.69 10.93 30.67
CA HIS C 209 14.62 13.97 29.74
CA ARG C 210 10.84 13.70 29.86
CA GLN C 211 8.73 13.96 26.68
CA TRP C 212 11.42 11.74 25.17
CA PHE C 213 10.63 8.91 27.54
CA LEU C 214 6.93 9.62 26.96
CA ASP C 215 7.42 9.61 23.19
CA LEU C 216 9.20 6.26 22.97
CA PRO C 217 7.47 4.06 20.35
CA LEU C 218 7.02 0.99 22.50
CA PRO C 219 4.10 -0.73 24.22
CA TRP C 220 3.53 0.70 27.72
CA LEU C 221 1.38 0.62 30.81
CA PRO C 222 0.47 3.39 33.28
CA GLY C 223 2.86 3.33 36.25
CA ALA C 224 0.31 2.20 38.84
CA ASP C 225 -0.23 -1.19 37.18
CA THR C 226 0.38 -4.73 38.40
CA GLN C 227 -1.47 -6.81 35.81
CA GLY C 228 1.29 -6.26 33.28
CA SER C 229 -1.05 -7.50 30.57
CA ASN C 230 -3.13 -4.64 29.12
CA TRP C 231 -0.35 -2.98 27.11
CA ILE C 232 -0.97 0.24 25.17
CA GLN C 233 0.09 0.57 21.52
CA LYS C 234 1.24 -3.02 21.07
CA GLU C 235 1.36 -2.44 17.30
CA THR C 236 4.72 -0.80 17.94
CA LEU C 237 6.22 -4.31 18.38
CA VAL C 238 3.84 -6.05 16.01
CA THR C 239 3.64 -6.25 12.26
CA PHE C 240 0.64 -7.49 10.34
CA LYS C 241 1.60 -8.95 6.94
CA ASN C 242 -0.67 -8.39 3.95
CA PRO C 243 -3.80 -10.46 4.54
CA HIS C 244 -5.17 -13.36 2.53
CA ALA C 245 -8.80 -14.30 1.96
CA LYS C 246 -9.07 -16.27 5.23
CA LYS C 247 -5.75 -15.97 7.09
CA GLN C 248 -3.15 -13.37 7.90
CA ASP C 249 0.26 -13.67 9.49
CA VAL C 250 1.42 -11.57 12.40
CA VAL C 251 5.04 -11.31 13.51
CA VAL C 252 6.60 -9.49 16.42
CA LEU C 253 9.77 -7.41 16.24
CA GLY C 254 12.80 -8.73 18.04
CA SER C 255 14.05 -7.49 21.42
CA GLN C 256 14.74 -3.77 21.60
CA GLU C 257 17.11 -3.91 24.58
CA GLY C 258 19.95 -3.42 22.11
CA ALA C 259 18.31 -0.66 20.10
CA MET C 260 17.75 0.98 23.47
CA HIS C 261 21.26 0.56 24.90
CA THR C 262 23.11 1.95 21.90
CA ALA C 263 20.44 4.70 21.95
CA LEU C 264 21.09 5.84 25.53
CA THR C 265 24.82 6.33 25.00
CA GLY C 266 25.45 9.95 25.96
CA ALA C 267 22.86 10.40 28.72
CA THR C 268 24.24 10.51 32.27
CA GLU C 269 24.38 6.98 33.68
CA ILE C 270 23.01 6.55 37.19
CA GLN C 271 24.40 4.04 39.66
CA MET C 272 22.03 1.99 41.81
CA SER C 273 21.63 -0.98 44.13
CA SER C 274 18.89 -2.89 45.93
CA GLY C 275 16.52 -1.32 43.43
CA ASN C 276 17.32 2.14 44.75
CA LEU C 277 18.88 4.88 42.64
CA LEU C 278 21.99 6.66 43.95
CA PHE C 279 23.12 10.21 43.36
CA THR C 280 21.78 12.73 40.22
CA GLY C 281 22.70 15.92 41.97
CA HIS C 282 23.84 17.25 45.31
CA LEU C 283 23.27 16.93 49.02
CA LYS C 284 23.94 20.13 50.96
CA CYS C 285 24.84 19.55 54.56
CA ARG C 286 25.68 21.42 57.73
CA LEU C 287 28.14 19.94 60.26
CA ARG C 288 28.58 20.89 63.90
CA MET C 289 31.86 19.83 65.55
CA ASP C 290 31.60 21.38 69.03
CA LYS C 291 31.31 17.90 70.48
CA LEU C 292 34.48 16.81 68.69
CA GLN C 293 38.07 17.10 69.85
CA LEU C 294 41.62 16.56 68.63
CA LYS C 295 43.28 13.33 69.64
CA GLY C 296 46.34 13.31 71.85
CA MET C 297 46.60 16.91 73.02
CA SER C 298 48.54 16.00 76.10
CA TYR C 299 51.00 13.88 74.28
CA SER C 300 54.64 14.57 74.52
CA MET C 301 56.62 16.02 71.68
CA CYS C 302 58.43 13.18 69.92
CA THR C 303 62.10 13.60 70.72
CA GLY C 304 63.50 10.66 68.76
CA LYS C 305 64.25 10.61 65.04
CA PHE C 306 62.12 9.73 62.05
CA LYS C 307 62.77 7.95 58.80
CA VAL C 308 60.94 8.49 55.54
CA VAL C 309 59.18 5.20 54.89
CA LYS C 310 57.32 6.33 51.80
CA GLU C 311 58.12 9.48 49.87
CA ILE C 312 56.70 12.98 49.66
CA ALA C 313 54.25 12.70 46.78
CA GLU C 314 52.14 15.56 45.49
CA THR C 315 48.33 15.27 45.20
CA GLN C 316 46.32 16.82 42.41
CA HIS C 317 45.60 19.83 44.62
CA GLY C 318 48.99 21.05 45.58
CA THR C 319 49.13 19.15 48.85
CA ILE C 320 51.95 16.68 49.65
CA VAL C 321 51.68 13.35 51.46
CA ILE C 322 54.57 11.77 53.38
CA ARG C 323 54.86 8.63 55.46
CA VAL C 324 57.40 8.51 58.20
CA GLN C 325 58.38 6.05 60.87
CA TYR C 326 59.35 6.96 64.42
CA GLU C 327 62.43 5.37 65.86
CA GLY C 328 62.60 7.35 69.07
CA ASP C 329 61.61 6.08 72.50
CA GLY C 330 58.71 8.33 73.55
CA SER C 331 55.48 6.97 71.97
CA PRO C 332 52.65 7.92 72.27
CA CYS C 333 53.82 11.35 71.17
CA LYS C 334 53.14 14.31 68.84
CA ILE C 335 55.18 14.62 65.65
CA PRO C 336 57.24 17.85 65.36
CA PHE C 337 56.18 19.06 61.92
CA GLU C 338 56.86 22.41 60.31
CA ILE C 339 57.25 23.81 56.80
CA MET C 340 59.79 26.60 56.46
CA ASP C 341 61.11 28.88 53.74
CA LEU C 342 64.60 29.10 52.27
CA GLU C 343 66.36 31.44 54.86
CA LYS C 344 65.50 28.82 57.43
CA ARG C 345 63.18 30.92 59.62
CA HIS C 346 59.54 31.76 58.82
CA VAL C 347 56.84 29.01 58.74
CA LEU C 348 55.13 28.92 55.32
CA GLY C 349 52.81 25.95 55.34
CA ARG C 350 49.76 24.49 57.02
CA LEU C 351 49.03 20.90 57.95
CA ILE C 352 45.98 19.21 56.51
CA THR C 353 46.48 16.14 58.71
CA VAL C 354 46.41 18.18 61.89
CA ASN C 355 48.07 17.13 65.13
CA PRO C 356 50.21 14.27 63.73
CA ILE C 357 51.02 11.70 66.45
CA VAL C 358 53.01 8.46 66.72
CA THR C 359 50.93 5.70 68.24
CA GLU C 360 53.30 2.71 67.97
CA LYS C 361 57.05 2.54 67.34
CA ASP C 362 56.76 0.37 64.25
CA SER C 363 53.51 1.70 62.74
CA PRO C 364 54.15 4.39 60.08
CA VAL C 365 52.23 7.65 60.08
CA ASN C 366 50.88 9.46 57.04
CA ILE C 367 50.79 13.26 57.00
CA GLU C 368 49.26 15.53 54.40
CA ALA C 369 50.40 19.11 54.31
CA GLU C 370 49.93 22.13 52.14
CA PRO C 371 53.36 23.61 51.29
CA PRO C 372 53.64 27.12 49.84
CA PHE C 373 54.24 27.62 46.14
CA GLY C 374 57.79 27.08 45.02
CA ASP C 375 60.71 26.23 47.31
CA SER C 376 59.99 25.15 50.83
CA TYR C 377 61.24 22.92 53.63
CA ILE C 378 59.69 19.95 55.33
CA ILE C 379 61.27 19.60 58.74
CA ILE C 380 60.25 16.46 60.57
CA GLY C 381 61.24 15.91 64.17
CA VAL C 382 63.71 17.85 66.24
CA GLU C 383 67.49 17.82 66.18
CA PRO C 384 69.45 15.47 66.51
CA GLY C 385 68.82 13.84 63.12
CA GLN C 386 65.95 16.10 62.28
CA LEU C 387 64.65 15.45 58.76
CA LYS C 388 64.94 18.45 56.38
CA LEU C 389 63.33 17.68 53.06
CA ASP C 390 63.38 19.88 49.95
CA TRP C 391 60.22 20.59 48.08
CA PHE C 392 59.30 22.66 45.06
CA LYS C 393 55.69 23.44 44.37
CA LYS C 394 54.11 23.25 40.96
CA GLY C 395 53.43 26.40 38.99
CA PHE D 1 -45.17 -21.08 -0.10
CA HIS D 2 -47.76 -18.95 -1.89
CA LEU D 3 -47.20 -18.81 -5.65
CA THR D 4 -48.24 -15.48 -7.23
CA THR D 5 -46.70 -13.20 -9.92
CA ARG D 6 -44.78 -9.94 -10.33
CA ASN D 7 -45.06 -8.49 -13.82
CA GLY D 8 -45.75 -11.78 -15.58
CA GLU D 9 -42.97 -13.48 -13.66
CA PRO D 10 -43.50 -16.10 -10.93
CA HIS D 11 -43.17 -14.82 -7.34
CA MET D 12 -42.64 -16.96 -4.22
CA ILE D 13 -43.88 -15.85 -0.80
CA VAL D 14 -41.77 -18.17 1.38
CA SER D 15 -42.72 -18.86 4.98
CA ARG D 16 -40.50 -19.95 7.88
CA GLN D 17 -41.29 -23.66 7.75
CA GLU D 18 -39.79 -23.97 4.29
CA LYS D 19 -36.24 -23.05 5.25
CA GLY D 20 -33.94 -25.77 3.98
CA LYS D 21 -36.25 -27.41 1.48
CA SER D 22 -36.26 -27.49 -2.30
CA LEU D 23 -38.94 -25.22 -3.77
CA LEU D 24 -40.86 -26.84 -6.64
CA PHE D 25 -43.64 -25.43 -8.81
CA LYS D 26 -45.00 -26.46 -12.20
CA THR D 27 -44.71 -24.14 -15.23
CA GLU D 28 -45.60 -24.44 -18.91
CA ASP D 29 -41.88 -25.07 -19.54
CA GLY D 30 -41.80 -28.05 -17.17
CA VAL D 31 -41.11 -28.25 -13.45
CA ASN D 32 -39.10 -25.43 -11.87
CA MET D 33 -36.75 -26.03 -8.94
CA CYS D 34 -35.57 -22.96 -7.04
CA THR D 35 -33.03 -23.25 -4.28
CA LEU D 36 -33.26 -20.96 -1.27
CA MET D 37 -30.11 -20.61 0.82
CA ALA D 38 -30.97 -17.34 2.62
CA MET D 39 -29.44 -17.53 6.10
CA ASP D 40 -31.65 -14.67 7.33
CA LEU D 41 -34.90 -16.38 6.24
CA GLY D 42 -37.29 -15.97 9.18
CA GLU D 43 -40.98 -15.46 9.94
CA LEU D 44 -43.26 -13.73 7.44
CA CYS D 45 -43.92 -10.26 8.77
CA GLU D 46 -43.77 -6.54 7.96
CA ASP D 47 -40.03 -6.66 7.49
CA THR D 48 -39.98 -8.40 4.12
CA ILE D 49 -37.20 -8.93 1.59
CA THR D 50 -38.01 -9.23 -2.10
CA TYR D 51 -35.56 -10.01 -4.86
CA LYS D 52 -34.83 -12.24 -7.83
CA CYS D 53 -33.55 -15.79 -8.08
CA PRO D 54 -31.72 -16.04 -11.43
CA LEU D 55 -31.80 -18.92 -13.85
CA LEU D 56 -28.60 -20.91 -13.65
CA ARG D 57 -27.71 -23.50 -16.26
CA GLN D 58 -24.53 -25.51 -15.59
CA ASN D 59 -22.85 -22.59 -13.78
CA GLU D 60 -21.82 -22.55 -10.15
CA PRO D 61 -23.61 -19.91 -8.03
CA GLU D 62 -21.63 -16.88 -6.92
CA ASP D 63 -22.60 -14.03 -4.59
CA ILE D 64 -26.24 -15.24 -4.30
CA ASP D 65 -28.45 -17.31 -2.00
CA CYS D 66 -31.35 -17.97 -4.35
CA TRP D 67 -31.58 -19.41 -7.83
CA CYS D 68 -33.84 -21.55 -10.00
CA ASN D 69 -32.88 -23.93 -12.79
CA SER D 70 -35.63 -23.51 -15.36
CA THR D 71 -37.23 -20.11 -15.02
CA SER D 72 -36.08 -17.00 -13.16
CA THR D 73 -38.31 -16.42 -10.12
CA TRP D 74 -38.89 -13.59 -7.65
CA VAL D 75 -38.82 -14.48 -3.95
CA THR D 76 -40.11 -12.79 -0.81
CA TYR D 77 -39.73 -13.69 2.86
CA GLY D 78 -39.75 -12.04 6.26
CA THR D 79 -36.75 -11.71 8.59
CA CYS D 80 -38.63 -11.68 11.93
CA THR D 81 -38.08 -14.45 14.48
CA PHE E 1 3.83 -31.72 -14.93
CA HIS E 2 6.48 -30.95 -17.54
CA LEU E 3 9.93 -32.19 -16.56
CA THR E 4 12.78 -29.99 -17.83
CA THR E 5 16.07 -28.71 -16.32
CA ARG E 6 17.66 -25.58 -14.83
CA ASN E 7 21.45 -25.69 -14.89
CA GLY E 8 21.76 -29.48 -14.88
CA GLU E 9 19.15 -29.77 -12.15
CA PRO E 10 15.63 -31.15 -12.64
CA HIS E 11 12.86 -28.54 -12.94
CA MET E 12 9.12 -29.15 -12.51
CA ILE E 13 6.51 -27.04 -14.29
CA VAL E 14 3.47 -27.92 -12.19
CA SER E 15 -0.05 -27.28 -13.45
CA ARG E 16 -3.25 -26.75 -11.48
CA GLN E 17 -4.60 -30.29 -11.72
CA GLU E 18 -1.66 -31.66 -9.77
CA LYS E 19 -2.36 -29.83 -6.53
CA GLY E 20 -2.43 -32.38 -3.74
CA LYS E 21 -0.68 -35.24 -5.47
CA SER E 22 2.74 -36.79 -5.00
CA LEU E 23 5.14 -35.80 -7.77
CA LEU E 24 7.22 -38.72 -9.08
CA PHE E 25 9.92 -38.78 -11.75
CA LYS E 26 12.67 -41.28 -12.52
CA THR E 27 16.36 -40.32 -12.18
CA GLU E 28 19.65 -42.17 -12.56
CA ASP E 29 19.75 -42.34 -8.75
CA GLY E 30 16.38 -44.09 -8.53
CA VAL E 31 12.86 -42.69 -8.29
CA ASN E 32 12.46 -39.17 -6.90
CA MET E 33 9.40 -38.15 -4.87
CA CYS E 34 8.85 -34.43 -4.38
CA THR E 35 6.08 -33.16 -2.19
CA LEU E 36 4.27 -29.96 -3.11
CA MET E 37 2.33 -28.26 -0.31
CA ALA E 38 2.05 -24.77 -1.82
CA MET E 39 -1.28 -23.30 -0.72
CA ASP E 40 -1.12 -20.63 -3.46
CA LEU E 41 -0.63 -23.17 -6.27
CA GLY E 42 -3.00 -22.08 -9.03
CA GLU E 43 -3.28 -21.98 -12.82
CA LEU E 44 -0.17 -21.79 -14.99
CA CYS E 45 0.04 -18.25 -16.30
CA GLU E 46 2.29 -15.18 -16.57
CA ASP E 47 2.47 -14.82 -12.82
CA THR E 48 4.82 -17.70 -12.11
CA ILE E 49 6.76 -18.67 -9.00
CA THR E 50 10.05 -20.52 -9.30
CA TYR E 51 12.12 -21.87 -6.44
CA LYS E 52 13.89 -24.92 -5.05
CA CYS E 53 12.59 -28.00 -3.27
CA PRO E 54 15.44 -29.22 -1.02
CA LEU E 55 16.49 -32.78 -0.40
CA LEU E 56 15.32 -33.92 2.99
CA ARG E 57 16.59 -37.13 4.56
CA GLN E 58 15.00 -38.12 7.88
CA ASN E 59 14.44 -34.48 8.90
CA GLU E 60 11.08 -32.84 9.47
CA PRO E 61 10.31 -29.93 7.07
CA GLU E 62 10.42 -26.41 8.46
CA ASP E 63 9.51 -23.11 6.82
CA ILE E 64 8.97 -24.73 3.38
CA ASP E 65 6.15 -26.09 1.22
CA CYS E 66 8.17 -28.12 -1.26
CA TRP E 67 10.79 -30.83 -0.86
CA CYS E 68 12.02 -34.00 -2.50
CA ASN E 69 13.55 -37.08 -0.89
CA SER E 70 16.22 -38.19 -3.34
CA THR E 71 17.37 -35.28 -5.42
CA SER E 72 16.88 -31.53 -4.95
CA THR E 73 14.47 -30.21 -7.60
CA TRP E 74 13.40 -26.79 -8.87
CA VAL E 75 9.66 -26.13 -9.14
CA THR E 76 7.55 -23.61 -11.02
CA TYR E 77 3.82 -22.92 -10.97
CA GLY E 78 1.38 -20.10 -11.63
CA THR E 79 -0.78 -18.37 -9.03
CA CYS E 80 -3.71 -17.37 -11.29
CA THR E 81 -7.19 -18.77 -10.67
CA PHE F 1 -6.95 -34.46 14.94
CA HIS F 2 -9.16 -33.45 17.87
CA LEU F 3 -12.67 -32.48 16.82
CA THR F 4 -14.24 -29.76 18.99
CA THR F 5 -16.37 -26.64 18.27
CA ARG F 6 -16.14 -22.85 18.06
CA ASN F 7 -19.51 -21.15 18.38
CA GLY F 8 -21.58 -24.09 17.14
CA GLU F 9 -19.19 -24.65 14.26
CA PRO F 10 -16.81 -27.62 13.96
CA HIS F 11 -13.17 -26.90 14.89
CA MET F 12 -10.15 -29.05 13.97
CA ILE F 13 -7.03 -29.17 16.14
CA VAL F 14 -4.59 -30.62 13.62
CA SER F 15 -1.32 -32.21 14.72
CA ARG F 16 1.92 -32.64 12.79
CA GLN F 17 1.40 -36.25 11.71
CA GLU F 18 -1.65 -35.32 9.67
CA LYS F 19 0.13 -33.08 7.18
CA GLY F 20 -0.76 -34.26 3.71
CA LYS F 21 -3.80 -36.33 4.52
CA SER F 22 -7.49 -35.83 3.84
CA LEU F 23 -9.38 -34.78 6.97
CA LEU F 24 -12.70 -36.60 7.39
CA PHE F 25 -15.34 -36.25 10.09
CA LYS F 26 -19.01 -37.22 10.22
CA THR F 27 -21.75 -34.58 10.52
CA GLU F 28 -25.55 -34.66 10.53
CA ASP F 29 -25.37 -33.47 6.90
CA GLY F 30 -23.22 -36.43 5.84
CA VAL F 31 -19.46 -36.89 5.78
CA ASN F 32 -17.31 -33.75 5.64
CA MET F 33 -13.96 -33.70 3.82
CA CYS F 34 -11.66 -30.77 4.56
CA THR F 35 -8.43 -30.33 2.68
CA LEU F 36 -5.41 -28.89 4.47
CA MET F 37 -2.65 -27.51 2.26
CA ALA F 38 -0.89 -25.29 4.83
CA MET F 39 2.82 -25.33 4.01
CA ASP F 40 3.70 -23.98 7.48
CA LEU F 41 1.81 -26.75 9.32
CA GLY F 42 4.15 -27.92 12.08
CA GLU F 43 4.09 -29.23 15.64
CA LEU F 44 1.25 -28.31 18.00
CA CYS F 45 2.62 -25.76 20.44
CA GLU F 46 2.08 -22.28 21.89
CA ASP F 47 2.45 -20.66 18.52
CA THR F 48 -0.91 -21.64 17.09
CA ILE F 49 -2.78 -20.47 14.00
CA THR F 50 -6.57 -20.51 13.93
CA TYR F 51 -8.76 -19.67 10.96
CA LYS F 52 -11.62 -20.86 8.77
CA CYS F 53 -11.79 -23.39 5.97
CA PRO F 54 -14.65 -22.27 3.69
CA LEU F 55 -17.21 -24.46 2.01
CA LEU F 56 -16.40 -24.82 -1.67
CA ARG F 57 -18.90 -26.30 -4.10
CA GLN F 58 -17.66 -26.77 -7.67
CA ASN F 59 -15.35 -23.74 -7.47
CA GLU F 60 -11.58 -23.81 -7.72
CA PRO F 61 -9.76 -22.61 -4.57
CA GLU F 62 -8.04 -19.24 -4.68
CA ASP F 63 -5.83 -17.53 -2.12
CA ILE F 64 -6.45 -20.25 0.53
CA ASP F 65 -4.82 -23.41 1.87
CA CYS F 66 -7.79 -24.92 3.67
CA TRP F 67 -11.32 -25.74 2.61
CA CYS F 68 -14.06 -28.30 3.20
CA ASN F 69 -16.72 -29.53 0.77
CA SER F 70 -19.80 -29.97 2.92
CA THR F 71 -19.62 -27.74 5.95
CA SER F 72 -17.37 -24.78 6.73
CA THR F 73 -14.88 -25.73 9.46
CA TRP F 74 -12.44 -23.87 11.70
CA VAL F 75 -8.87 -25.22 11.86
CA THR F 76 -6.00 -24.80 14.31
CA TYR F 77 -2.41 -25.99 14.18
CA GLY F 78 1.00 -25.08 15.54
CA THR F 79 3.96 -23.83 13.50
CA CYS F 80 6.80 -25.16 15.71
CA THR F 81 9.22 -27.76 14.37
CA GLU G 1 -44.21 7.64 -29.02
CA VAL G 2 -40.49 6.70 -29.09
CA LYS G 3 -37.95 7.58 -31.73
CA LEU G 4 -34.40 7.37 -32.92
CA VAL G 5 -33.97 9.69 -35.87
CA GLU G 6 -30.49 9.63 -37.34
CA SER G 7 -29.27 12.01 -40.05
CA GLY G 8 -25.65 12.44 -39.06
CA GLY G 9 -24.98 10.39 -42.18
CA GLY G 10 -24.04 11.22 -45.74
CA LEU G 11 -21.76 10.31 -48.70
CA VAL G 12 -17.99 10.68 -48.49
CA LEU G 13 -14.66 9.93 -50.10
CA PRO G 14 -12.60 6.81 -49.14
CA GLY G 15 -10.97 6.92 -45.73
CA GLY G 16 -12.67 10.11 -44.56
CA SER G 17 -14.70 10.28 -41.41
CA LEU G 18 -18.20 11.30 -40.51
CA ARG G 19 -19.89 11.57 -37.12
CA LEU G 20 -23.14 9.65 -37.34
CA SER G 21 -25.75 10.83 -34.80
CA CYS G 22 -29.12 9.74 -33.42
CA ALA G 23 -31.51 12.10 -31.65
CA THR G 24 -34.25 10.59 -29.49
CA SER G 25 -37.67 11.45 -28.17
CA GLY G 26 -39.94 9.36 -25.98
CA PHE G 27 -37.82 7.83 -23.23
CA THR G 28 -35.30 8.72 -20.52
CA PHE G 29 -32.05 8.35 -22.53
CA THR G 30 -30.10 8.56 -19.24
CA ASP G 31 -30.69 4.89 -18.57
CA TYR G 32 -31.02 2.29 -21.31
CA TYR G 33 -27.86 1.19 -23.05
CA MET G 34 -27.70 1.91 -26.78
CA THR G 35 -26.30 0.28 -29.88
CA TRP G 36 -25.18 0.94 -33.40
CA VAL G 37 -25.68 -1.59 -36.23
CA ARG G 38 -24.95 -1.45 -39.98
CA GLN G 39 -26.50 -3.39 -42.89
CA PRO G 40 -24.43 -3.90 -46.05
CA PRO G 41 -26.05 -4.46 -49.45
CA GLY G 42 -25.52 -8.18 -49.01
CA LYS G 43 -28.51 -8.59 -46.70
CA ALA G 44 -26.51 -9.45 -43.54
CA LEU G 45 -26.73 -7.12 -40.54
CA GLU G 46 -23.37 -6.55 -38.84
CA TRP G 47 -23.32 -5.33 -35.26
CA LEU G 48 -20.96 -2.37 -34.90
CA GLY G 49 -21.02 -0.79 -31.46
CA PHE G 50 -22.94 -0.89 -28.20
CA ILE G 51 -22.53 1.52 -25.25
CA GLY G 52 -23.97 1.83 -21.78
CA ASN G 53 -25.07 3.89 -18.80
CA LYS G 54 -23.78 2.11 -15.66
CA ALA G 55 -22.48 5.52 -15.05
CA ASN G 56 -24.21 7.35 -17.93
CA ASP G 57 -21.76 5.82 -20.46
CA TYR G 58 -19.66 3.27 -18.56
CA THR G 59 -18.91 0.00 -20.32
CA THR G 60 -19.26 -0.16 -24.07
CA GLU G 61 -17.81 -3.16 -25.95
CA TYR G 62 -17.19 -1.70 -29.36
CA SER G 63 -15.66 -5.00 -30.50
CA ALA G 64 -17.08 -6.56 -33.64
CA SER G 65 -13.66 -5.63 -35.00
CA VAL G 66 -13.99 -1.95 -35.92
CA LYS G 67 -11.35 0.66 -36.78
CA GLY G 68 -10.58 2.58 -33.59
CA ARG G 69 -10.23 6.39 -33.39
CA PHE G 70 -14.07 6.42 -33.53
CA THR G 71 -16.35 6.95 -30.57
CA ILE G 72 -19.62 5.41 -29.61
CA SER G 73 -20.02 8.48 -27.42
CA ARG G 74 -23.49 9.12 -26.02
CA ASP G 75 -24.74 12.57 -25.04
CA ASP G 76 -27.30 12.21 -22.27
CA SER G 77 -28.16 15.84 -21.65
CA GLN G 78 -29.70 16.12 -25.09
CA SER G 79 -30.54 12.43 -25.62
CA ILE G 80 -28.22 11.90 -28.61
CA LEU G 81 -25.78 9.18 -29.77
CA TYR G 82 -22.75 9.33 -32.04
CA LEU G 83 -20.14 7.24 -33.85
CA GLN G 84 -17.70 9.05 -36.16
CA MET G 85 -15.30 6.48 -37.57
CA SER G 86 -11.95 6.78 -39.34
CA THR G 87 -13.15 4.48 -42.17
CA LEU G 88 -11.96 3.59 -45.67
CA ARG G 89 -11.79 -0.06 -46.89
CA ALA G 90 -15.15 0.63 -48.58
CA GLU G 91 -16.81 -2.23 -46.63
CA ASP G 92 -18.42 0.23 -44.23
CA ARG G 93 -20.43 1.26 -47.29
CA ALA G 94 -23.96 0.74 -45.89
CA THR G 95 -27.11 1.77 -44.05
CA TYR G 96 -26.61 2.40 -40.34
CA TYR G 97 -29.16 2.01 -37.61
CA CYS G 98 -29.14 3.13 -34.01
CA ALA G 99 -31.30 0.94 -31.74
CA THR G 100 -31.93 0.51 -28.04
CA VAL G 101 -31.06 -2.52 -25.84
CA TYR G 102 -33.58 -4.02 -23.49
CA GLY G 103 -34.49 -6.45 -20.68
CA ASN G 104 -32.67 -9.51 -19.35
CA TYR G 105 -30.75 -11.42 -21.99
CA PRO G 106 -31.14 -8.14 -23.92
CA TYR G 107 -32.25 -7.71 -27.47
CA PHE G 108 -32.52 -4.68 -29.73
CA ASP G 109 -36.05 -3.29 -29.96
CA VAL G 110 -36.67 0.30 -31.05
CA TRP G 111 -34.67 0.97 -34.25
CA GLY G 112 -34.04 4.37 -35.80
CA ALA G 113 -34.65 4.88 -39.49
CA GLY G 114 -31.12 4.52 -40.86
CA THR G 115 -28.24 6.19 -42.72
CA THR G 116 -26.82 6.06 -46.22
CA VAL G 117 -23.05 5.88 -45.89
CA ALA G 118 -21.11 5.88 -49.17
CA VAL G 119 -17.52 5.22 -50.29
CA SER G 120 -17.26 7.76 -53.15
CA SER G 121 -14.38 8.50 -55.54
CA ALA G 122 -16.78 8.70 -58.89
CA LYS G 123 -18.16 12.12 -59.78
CA THR G 124 -21.92 12.46 -59.60
CA THR G 125 -23.62 12.91 -62.97
CA PRO G 126 -26.97 13.92 -64.54
CA PRO G 127 -29.31 10.96 -65.26
CA SER G 128 -30.18 10.25 -68.90
CA VAL G 129 -33.70 10.96 -70.16
CA TYR G 130 -35.02 8.64 -72.86
CA PRO G 131 -38.88 8.52 -73.15
CA LEU G 132 -40.66 5.40 -74.54
CA ALA G 133 -43.83 4.73 -76.62
CA PRO G 134 -45.48 1.96 -78.81
CA VAL G 135 -43.42 0.83 -81.86
CA CYS G 136 -45.69 0.86 -84.95
CA GLY G 137 -47.96 -1.54 -83.05
CA GLY G 138 -50.47 1.08 -81.96
CA THR G 139 -54.24 1.26 -82.55
CA THR G 140 -56.55 -1.79 -82.80
CA GLY G 141 -55.90 -1.78 -79.04
CA SER G 142 -56.87 0.51 -76.15
CA SER G 143 -55.09 -1.42 -73.43
CA VAL G 144 -51.38 -0.53 -73.49
CA THR G 145 -48.85 1.11 -71.16
CA LEU G 146 -46.06 3.64 -71.80
CA GLY G 147 -43.07 4.91 -69.82
CA CYS G 148 -40.39 7.59 -69.45
CA LEU G 149 -36.98 5.95 -68.96
CA VAL G 150 -33.92 7.40 -67.12
CA LYS G 151 -30.45 5.70 -67.21
CA GLY G 152 -27.22 7.53 -66.40
CA TYR G 153 -26.58 8.83 -62.87
CA PHE G 154 -24.94 8.36 -59.45
CA PRO G 155 -26.15 8.42 -56.71
CA GLU G 156 -29.80 8.78 -55.62
CA PRO G 157 -32.45 10.12 -55.20
CA VAL G 158 -34.80 10.44 -58.20
CA THR G 159 -38.35 11.17 -56.93
CA LEU G 160 -40.60 10.64 -59.94
CA THR G 161 -44.40 10.78 -60.32
CA TRP G 162 -46.19 11.55 -63.58
CA ASN G 163 -48.76 14.36 -63.53
CA SER G 164 -46.60 16.66 -61.39
CA GLY G 165 -46.84 14.14 -58.53
CA SER G 166 -50.32 13.36 -57.24
CA LEU G 167 -51.69 10.60 -59.47
CA SER G 168 -51.21 7.30 -57.61
CA SER G 169 -53.06 4.64 -59.63
CA GLY G 170 -51.37 1.59 -61.11
CA VAL G 171 -48.01 3.29 -61.47
CA HIS G 172 -44.70 1.38 -61.56
CA THR G 173 -41.10 2.22 -60.59
CA PHE G 174 -38.37 -0.44 -60.98
CA PRO G 175 -35.39 0.00 -58.58
CA ALA G 176 -31.85 -0.19 -60.02
CA VAL G 177 -29.00 -2.65 -59.41
CA LEU G 178 -25.19 -2.37 -59.87
CA GLN G 179 -24.96 -1.73 -63.57
CA SER G 180 -21.43 -0.25 -63.78
CA GLY G 181 -21.80 2.98 -61.87
CA LEU G 182 -25.20 4.23 -62.96
CA TYR G 183 -28.53 3.44 -61.35
CA THR G 184 -31.26 2.72 -63.88
CA LEU G 185 -34.75 3.85 -62.83
CA SER G 186 -37.88 3.05 -64.92
CA SER G 187 -41.63 3.48 -64.63
CA SER G 188 -45.11 3.03 -66.10
CA VAL G 189 -48.83 3.37 -65.36
CA THR G 190 -52.09 3.52 -67.38
CA VAL G 191 -55.84 2.81 -67.32
CA THR G 192 -57.17 2.98 -70.91
CA SER G 193 -55.48 4.03 -74.17
CA SER G 194 -58.11 6.69 -74.94
CA THR G 195 -55.91 9.81 -74.91
CA TRP G 196 -52.45 9.78 -76.49
CA PRO G 197 -50.71 11.89 -77.65
CA SER G 198 -53.75 13.82 -76.39
CA GLN G 199 -52.61 16.07 -73.53
CA SER G 200 -49.00 15.72 -72.31
CA ILE G 201 -46.90 13.44 -70.08
CA THR G 202 -45.22 14.69 -66.91
CA CYS G 203 -41.92 12.90 -66.23
CA ASN G 204 -40.97 14.38 -62.83
CA VAL G 205 -37.18 13.97 -62.93
CA ALA G 206 -35.26 15.44 -59.96
CA HIS G 207 -31.63 14.43 -59.24
CA PRO G 208 -30.30 16.75 -56.47
CA ALA G 209 -26.83 15.14 -56.73
CA SER G 210 -26.20 16.90 -60.07
CA SER G 211 -29.50 18.67 -60.83
CA THR G 212 -31.68 17.70 -63.81
CA LYS G 213 -35.33 18.83 -64.22
CA VAL G 214 -37.05 18.10 -67.56
CA ASP G 215 -40.68 16.90 -67.50
CA LYS G 216 -40.33 14.91 -70.73
CA LYS G 217 -43.36 13.50 -72.56
CA ILE G 218 -43.38 10.74 -75.16
CA GLU G 219 -43.82 11.85 -78.78
CA PRO G 220 -46.34 10.01 -81.04
CA ARG G 221 -45.06 9.86 -84.63
CA GLN H 1 -17.07 -16.08 -32.75
CA ILE H 2 -20.37 -17.83 -33.64
CA VAL H 3 -21.82 -18.02 -37.16
CA LEU H 4 -25.62 -18.25 -37.56
CA THR H 5 -26.98 -19.64 -40.80
CA GLN H 6 -30.65 -20.11 -41.65
CA SER H 7 -32.61 -22.07 -44.21
CA PRO H 8 -34.44 -22.02 -46.42
CA ALA H 9 -33.27 -18.73 -47.91
CA ILE H 10 -36.55 -17.94 -49.67
CA MET H 11 -39.84 -19.79 -49.24
CA SER H 12 -43.34 -18.86 -50.38
CA ALA H 13 -46.05 -19.74 -47.86
CA SER H 14 -49.64 -19.59 -49.11
CA PRO H 15 -52.56 -18.15 -47.11
CA GLY H 16 -53.00 -20.79 -44.46
CA GLU H 17 -49.89 -22.83 -45.16
CA LYS H 18 -48.40 -22.84 -41.67
CA VAL H 19 -44.63 -22.40 -42.19
CA THR H 20 -41.29 -22.29 -40.34
CA MET H 21 -37.52 -21.48 -40.40
CA THR H 22 -34.30 -22.55 -38.77
CA CYS H 23 -31.20 -21.14 -37.15
CA SER H 24 -28.19 -23.45 -37.05
CA ALA H 25 -26.13 -22.43 -34.04
CA SER H 26 -22.49 -23.39 -34.64
CA SER H 27 -21.73 -23.71 -30.91
CA SER H 28 -24.11 -24.01 -27.98
CA VAL H 29 -25.93 -20.67 -27.63
CA SER H 30 -28.18 -20.21 -24.62
CA TYR H 31 -31.08 -18.10 -25.87
CA MET H 32 -32.13 -16.68 -29.25
CA HIS H 33 -34.04 -13.58 -30.49
CA TRP H 34 -35.79 -13.18 -33.86
CA TYR H 35 -36.17 -9.93 -35.83
CA GLN H 36 -38.37 -9.13 -38.82
CA GLN H 37 -37.69 -6.57 -41.51
CA LYS H 38 -40.11 -5.80 -44.26
CA SER H 39 -39.14 -3.99 -47.44
CA GLY H 40 -38.68 -0.37 -46.54
CA THR H 41 -39.08 -0.16 -42.76
CA SER H 42 -36.28 -1.11 -40.40
CA PRO H 43 -35.86 -4.29 -38.30
CA LYS H 44 -38.23 -5.14 -35.51
CA ILE H 45 -37.95 -7.33 -32.44
CA TRP H 46 -40.37 -10.23 -32.89
CA ILE H 47 -39.17 -12.99 -30.72
CA TYR H 48 -36.84 -12.76 -27.76
CA GLU H 49 -35.47 -15.31 -25.30
CA SER H 50 -36.28 -18.00 -27.95
CA SER H 51 -40.04 -18.07 -27.33
CA LYS H 52 -42.23 -15.19 -26.22
CA LEU H 53 -43.14 -12.31 -28.52
CA ALA H 54 -44.12 -8.69 -27.86
CA SER H 55 -45.29 -5.40 -29.53
CA GLY H 56 -48.36 -6.48 -31.47
CA VAL H 57 -46.76 -9.66 -32.61
CA PRO H 58 -49.47 -12.21 -33.63
CA VAL H 59 -49.86 -15.11 -31.26
CA ARG H 60 -49.90 -17.18 -34.45
CA PHE H 61 -46.14 -16.81 -34.34
CA SER H 62 -44.56 -19.63 -32.34
CA GLY H 63 -40.86 -20.10 -31.83
CA SER H 64 -38.85 -22.71 -29.94
CA GLY H 65 -35.49 -24.49 -29.68
CA SER H 66 -32.30 -24.85 -27.60
CA GLY H 67 -28.52 -24.88 -27.64
CA THR H 68 -27.71 -25.75 -31.25
CA SER H 69 -30.93 -25.30 -33.19
CA TYR H 70 -34.07 -23.18 -32.70
CA SER H 71 -37.01 -22.17 -34.85
CA LEU H 72 -39.82 -19.76 -35.52
CA THR H 73 -42.94 -21.04 -37.20
CA ILE H 74 -46.18 -19.40 -38.29
CA SER H 75 -49.45 -20.98 -37.10
CA SER H 76 -51.29 -20.35 -40.40
CA MET H 77 -49.76 -17.52 -42.38
CA GLU H 78 -51.58 -14.32 -43.43
CA ALA H 79 -50.25 -11.82 -45.97
CA GLU H 80 -49.16 -9.32 -43.31
CA ASP H 81 -46.16 -11.58 -42.68
CA VAL H 82 -44.21 -11.43 -45.91
CA ALA H 83 -40.81 -10.16 -44.85
CA THR H 84 -37.42 -11.43 -43.84
CA TYR H 85 -36.45 -12.93 -40.51
CA TYR H 86 -33.14 -12.80 -38.69
CA CYS H 87 -32.07 -14.82 -35.63
CA GLN H 88 -29.55 -13.61 -33.08
CA GLN H 89 -27.50 -15.14 -30.24
CA TRP H 90 -26.04 -14.70 -26.76
CA SER H 91 -23.38 -16.00 -24.37
CA SER H 92 -21.21 -15.54 -27.45
CA HIS H 93 -18.48 -12.89 -27.42
CA PRO H 94 -18.85 -10.59 -30.47
CA LEU H 97 -22.67 -10.90 -30.75
CA THR H 98 -24.07 -11.98 -34.18
CA PHE H 99 -27.04 -12.20 -36.54
CA GLY H 100 -28.87 -14.55 -38.87
CA ALA H 101 -28.46 -14.59 -42.65
CA GLY H 102 -32.05 -13.82 -43.62
CA THR H 103 -35.06 -16.02 -44.41
CA LYS H 104 -37.21 -14.23 -47.03
CA LEU H 105 -40.85 -15.27 -46.74
CA GLU H 106 -43.08 -14.26 -49.66
CA LEU H 107 -46.81 -14.82 -50.34
CA LYS H 108 -47.68 -17.47 -52.94
CA ARG H 109 -51.08 -15.89 -53.52
CA ALA H 110 -54.43 -16.20 -56.70
CA ASP H 111 -52.68 -16.01 -60.07
CA ALA H 112 -52.31 -13.17 -62.55
CA ALA H 113 -51.16 -12.74 -66.11
CA PRO H 114 -47.95 -10.82 -66.96
CA THR H 115 -49.37 -7.88 -68.91
CA VAL H 116 -46.10 -7.91 -70.93
CA SER H 117 -44.98 -4.85 -72.92
CA ILE H 118 -41.95 -3.63 -74.91
CA PHE H 119 -40.79 -0.12 -75.97
CA PRO H 120 -38.97 2.06 -78.60
CA PRO H 121 -35.24 2.98 -78.46
CA SER H 122 -34.15 6.61 -78.03
CA SER H 123 -33.07 9.54 -80.21
CA GLU H 124 -30.57 10.44 -77.51
CA GLN H 125 -29.38 6.81 -77.70
CA LEU H 126 -29.12 6.77 -81.49
CA THR H 127 -27.44 10.14 -81.96
CA SER H 128 -24.69 9.05 -79.55
CA GLY H 129 -24.47 5.33 -80.27
CA GLY H 130 -26.75 3.20 -78.12
CA ALA H 131 -29.11 0.23 -77.85
CA SER H 132 -31.45 -0.89 -75.06
CA VAL H 133 -34.95 -2.35 -75.42
CA VAL H 134 -37.56 -1.59 -72.74
CA CYS H 135 -39.94 -4.47 -71.94
CA PHE H 136 -42.30 -4.02 -68.96
CA LEU H 137 -43.68 -7.30 -67.52
CA ASN H 138 -45.80 -6.08 -64.61
CA ASN H 139 -48.66 -7.27 -62.40
CA PHE H 140 -48.09 -11.03 -62.16
CA TYR H 141 -48.26 -13.80 -59.56
CA PRO H 142 -46.16 -15.98 -58.97
CA LYS H 143 -43.13 -13.79 -58.24
CA ASP H 144 -41.13 -16.20 -60.37
CA ILE H 145 -40.90 -16.04 -64.14
CA ASN H 146 -38.19 -16.56 -66.79
CA VAL H 147 -38.21 -13.67 -69.27
CA LYS H 148 -35.44 -13.68 -71.93
CA TRP H 149 -34.35 -12.26 -75.33
CA LYS H 150 -33.51 -14.01 -78.58
CA ILE H 151 -32.89 -11.42 -81.32
CA ASP H 152 -33.22 -13.37 -84.59
CA GLY H 153 -32.99 -16.50 -82.43
CA SER H 154 -30.78 -18.35 -79.93
CA GLU H 155 -30.36 -16.97 -76.39
CA ARG H 156 -27.24 -14.98 -75.60
CA GLN H 157 -25.21 -15.28 -72.40
CA ASN H 158 -23.75 -11.92 -71.21
CA GLY H 159 -26.00 -8.87 -70.95
CA VAL H 160 -29.05 -9.53 -68.77
CA LEU H 161 -30.62 -6.75 -66.63
CA ASN H 162 -33.19 -7.83 -64.05
CA SER H 163 -35.22 -5.37 -61.98
CA TRP H 164 -37.29 -7.62 -59.72
CA THR H 165 -39.70 -5.22 -57.89
CA ASP H 166 -41.75 -5.75 -54.72
CA GLN H 167 -45.37 -6.83 -54.03
CA ASP H 168 -47.91 -4.05 -54.51
CA SER H 169 -50.15 -3.30 -51.53
CA LYS H 170 -53.20 -2.53 -53.65
CA ASP H 171 -53.73 -5.85 -55.44
CA SER H 172 -50.53 -7.59 -54.37
CA THR H 173 -48.84 -8.21 -57.73
CA TYR H 174 -45.29 -8.12 -59.05
CA SER H 175 -44.37 -5.56 -61.70
CA MET H 176 -41.09 -6.63 -63.37
CA SER H 177 -38.46 -5.16 -65.73
CA SER H 178 -35.35 -6.38 -67.62
CA THR H 179 -33.09 -4.96 -70.34
CA LEU H 180 -30.10 -5.34 -72.73
CA THR H 181 -27.45 -3.13 -74.36
CA LEU H 182 -24.40 -3.51 -76.57
CA THR H 183 -22.34 -2.21 -79.52
CA LYS H 184 -23.89 -0.79 -82.71
CA ASP H 185 -22.39 -3.66 -84.71
CA GLU H 186 -24.70 -6.24 -83.09
CA TYR H 187 -27.83 -4.02 -83.01
CA GLU H 188 -28.54 -1.93 -86.09
CA ARG H 189 -27.10 -4.78 -88.13
CA HIS H 190 -29.59 -7.61 -87.48
CA ASN H 191 -33.26 -8.15 -88.27
CA SER H 192 -35.50 -9.00 -85.26
CA TYR H 193 -35.45 -8.71 -81.44
CA THR H 194 -37.04 -10.81 -78.71
CA CYS H 195 -38.87 -10.36 -75.33
CA GLU H 196 -40.56 -13.64 -74.21
CA ALA H 197 -41.61 -15.15 -70.85
CA THR H 198 -41.50 -18.73 -69.50
CA HIS H 199 -44.11 -18.26 -66.72
CA LYS H 200 -46.64 -20.77 -65.34
CA THR H 201 -49.95 -19.33 -66.47
CA SER H 202 -49.36 -20.65 -70.02
CA THR H 203 -48.01 -23.79 -71.72
CA SER H 204 -45.49 -22.68 -74.33
CA PRO H 205 -43.39 -19.45 -73.89
CA ILE H 206 -45.22 -16.14 -74.20
CA VAL H 207 -43.08 -13.94 -76.47
CA LYS H 208 -43.59 -10.36 -77.59
CA SER H 209 -41.01 -8.40 -79.55
CA PHE H 210 -40.08 -6.39 -82.64
CA ASN H 211 -37.34 -6.37 -85.29
CA ARG H 212 -34.89 -3.67 -86.38
CA ASN H 213 -36.52 -3.30 -89.80
CA GLU H 214 -39.61 -1.21 -89.01
CA CYS H 215 -38.46 1.30 -86.36
CA GLU I 1 45.82 -26.56 -8.14
CA VAL I 2 45.11 -26.40 -4.38
CA LYS I 3 47.58 -26.03 -1.56
CA LEU I 4 48.18 -25.74 2.14
CA VAL I 5 51.80 -24.80 2.71
CA GLU I 6 52.71 -24.51 6.35
CA SER I 7 56.07 -23.23 7.61
CA GLY I 8 55.02 -21.48 10.80
CA GLY I 9 56.80 -24.36 12.49
CA GLY I 10 60.24 -24.84 13.98
CA LEU I 11 62.23 -26.23 16.95
CA VAL I 12 61.82 -24.79 20.45
CA LEU I 13 62.57 -25.21 24.13
CA PRO I 14 60.11 -26.98 26.53
CA GLY I 15 56.97 -25.04 27.34
CA GLY I 16 57.54 -22.25 24.84
CA SER I 17 55.03 -21.37 22.20
CA LEU I 18 55.04 -21.05 18.46
CA ARG I 19 52.32 -19.89 16.08
CA LEU I 20 51.97 -22.53 13.38
CA SER I 21 50.52 -21.16 10.11
CA CYS I 22 49.16 -22.45 6.82
CA ALA I 23 48.88 -20.31 3.70
CA THR I 24 46.56 -21.48 0.92
CA SER I 25 46.13 -21.12 -2.80
CA GLY I 26 43.48 -22.65 -5.01
CA PHE I 27 40.13 -22.30 -3.27
CA THR I 28 37.87 -19.72 -1.59
CA PHE I 29 39.15 -19.99 2.00
CA THR I 30 36.13 -17.94 3.14
CA ASP I 31 33.95 -21.03 3.16
CA TYR I 32 35.25 -24.50 3.94
CA TYR I 33 35.98 -25.32 7.54
CA MET I 34 39.59 -26.18 8.34
CA THR I 35 41.46 -28.49 10.66
CA TRP I 36 44.78 -29.06 12.33
CA VAL I 37 46.22 -32.54 12.95
CA ARG I 38 49.54 -33.78 14.40
CA GLN I 39 51.40 -37.06 13.91
CA PRO I 40 53.77 -38.24 16.66
CA PRO I 41 56.71 -40.57 15.93
CA GLY I 42 54.59 -43.48 17.08
CA LYS I 43 52.66 -43.70 13.81
CA ALA I 44 49.28 -42.61 15.24
CA LEU I 45 47.67 -39.41 13.93
CA GLU I 46 46.07 -37.32 16.69
CA TRP I 47 43.43 -34.78 15.74
CA LEU I 48 44.20 -31.41 17.34
CA GLY I 49 41.87 -28.64 16.26
CA PHE I 50 39.13 -27.91 13.75
CA ILE I 51 37.54 -24.50 13.06
CA GLY I 52 34.74 -23.20 10.88
CA ASN I 53 33.13 -20.46 8.80
CA LYS I 54 29.41 -20.40 9.72
CA ALA I 55 30.27 -16.82 10.17
CA ASN I 56 33.82 -16.87 8.75
CA ASP I 57 35.13 -18.58 11.92
CA TYR I 58 32.10 -19.46 14.05
CA THR I 59 32.11 -22.84 15.78
CA THR I 60 35.41 -24.60 16.26
CA GLU I 61 35.58 -27.59 18.64
CA TYR I 62 39.21 -27.55 19.67
CA SER I 63 38.57 -30.48 22.01
CA ALA I 64 40.82 -33.51 21.62
CA SER I 65 42.09 -32.32 24.99
CA VAL I 66 44.58 -29.59 24.15
CA LYS I 67 46.25 -26.95 26.33
CA GLY I 68 44.21 -23.78 26.03
CA ARG I 69 45.70 -20.27 25.56
CA PHE I 70 46.23 -21.34 21.91
CA THR I 71 44.07 -20.27 19.00
CA ILE I 72 42.85 -22.11 15.98
CA SER I 73 42.34 -18.64 14.52
CA ARG I 74 41.73 -18.44 10.78
CA ASP I 75 42.54 -15.37 8.70
CA ASP I 76 40.17 -15.25 5.74
CA SER I 77 41.33 -12.06 4.06
CA GLN I 78 44.67 -13.64 3.26
CA SER I 79 43.57 -17.30 3.30
CA ILE I 80 45.75 -18.36 6.24
CA LEU I 81 45.31 -20.54 9.36
CA TYR I 82 47.09 -20.52 12.72
CA LEU I 83 47.50 -22.39 16.01
CA GLN I 84 50.11 -21.10 18.47
CA MET I 85 49.95 -23.27 21.57
CA SER I 86 51.34 -22.83 25.09
CA THR I 87 52.95 -26.31 25.00
CA LEU I 88 55.53 -28.20 27.04
CA ARG I 89 54.96 -31.83 28.18
CA ALA I 90 57.11 -32.84 25.18
CA GLU I 91 54.26 -34.97 23.74
CA ASP I 92 53.40 -32.28 21.22
CA ARG I 93 56.78 -33.18 19.73
CA ALA I 94 55.66 -34.02 16.15
CA THR I 95 54.81 -33.20 12.55
CA TYR I 96 51.75 -31.01 12.13
CA TYR I 97 49.41 -30.92 9.19
CA CYS I 98 46.71 -28.45 8.23
CA ALA I 99 43.92 -30.02 6.12
CA THR I 100 40.52 -29.05 4.83
CA VAL I 101 37.12 -30.56 5.80
CA TYR I 102 34.62 -31.58 3.19
CA GLY I 103 31.13 -32.79 2.21
CA ASN I 104 28.39 -34.42 4.28
CA TYR I 105 29.67 -36.66 7.06
CA PRO I 106 32.89 -34.69 6.43
CA TYR I 107 36.36 -36.07 6.03
CA PHE I 108 39.75 -34.43 5.64
CA ASP I 109 40.94 -34.25 2.03
CA VAL I 110 43.58 -31.74 0.97
CA TRP I 111 46.52 -31.94 3.41
CA GLY I 112 49.35 -29.44 3.67
CA ALA I 113 52.93 -30.67 3.76
CA GLY I 114 53.62 -30.59 7.50
CA THR I 115 55.72 -29.12 10.32
CA THR I 116 58.63 -30.28 12.43
CA VAL I 117 57.88 -29.28 16.02
CA ALA I 118 60.58 -30.10 18.56
CA VAL I 119 60.92 -30.17 22.36
CA SER I 120 64.58 -29.06 22.71
CA SER I 121 66.73 -28.61 25.82
CA ALA I 122 64.88 -25.79 25.97
CA LYS I 123 65.44 -22.97 23.49
CA THR I 124 64.74 -23.81 19.87
CA THR I 125 67.82 -23.91 17.66
CA PRO I 126 68.88 -24.00 13.97
CA PRO I 127 69.39 -27.53 12.57
CA SER I 128 72.90 -28.50 11.45
CA VAL I 129 73.64 -28.90 7.74
CA TYR I 130 76.22 -31.54 6.82
CA PRO I 131 75.99 -32.84 3.19
CA LEU I 132 77.24 -36.36 2.27
CA ALA I 133 78.90 -38.00 -0.80
CA PRO I 134 80.95 -41.14 -1.83
CA VAL I 135 84.29 -41.60 0.02
CA CYS I 136 87.04 -42.30 -2.56
CA GLY I 137 84.94 -45.26 -3.70
CA GLY I 138 83.41 -43.54 -6.70
CA THR I 139 83.47 -44.53 -10.40
CA THR I 140 83.53 -48.14 -11.67
CA GLY I 141 79.89 -47.91 -10.54
CA SER I 142 76.81 -46.02 -11.74
CA SER I 143 74.43 -47.29 -9.08
CA VAL I 144 74.96 -45.30 -5.87
CA THR I 145 72.95 -42.96 -3.65
CA LEU I 146 73.86 -39.68 -1.89
CA GLY I 147 72.26 -37.55 0.81
CA CYS I 148 72.14 -34.17 2.57
CA LEU I 149 72.20 -34.69 6.36
CA VAL I 150 70.74 -32.34 9.06
CA LYS I 151 71.37 -32.89 12.83
CA GLY I 152 70.94 -30.15 15.42
CA TYR I 153 67.48 -28.71 16.13
CA PHE I 154 64.34 -28.64 18.30
CA PRO I 155 61.46 -28.93 17.53
CA GLU I 156 59.87 -29.71 14.14
CA PRO I 157 59.04 -29.25 11.29
CA VAL I 158 61.67 -29.68 8.56
CA THR I 159 59.90 -30.08 5.19
CA LEU I 160 62.59 -31.28 2.80
CA THR I 161 62.44 -32.32 -0.88
CA TRP I 162 65.39 -32.16 -3.26
CA ASN I 163 64.89 -30.27 -6.54
CA SER I 164 62.97 -27.42 -4.90
CA GLY I 165 60.21 -29.87 -3.95
CA SER I 166 58.49 -31.68 -6.80
CA LEU I 167 60.61 -34.75 -7.57
CA SER I 168 58.97 -37.73 -5.85
CA SER I 169 60.82 -40.83 -7.06
CA GLY I 170 62.63 -43.22 -4.75
CA VAL I 171 63.39 -40.57 -2.15
CA HIS I 172 63.99 -41.37 1.53
CA THR I 173 63.49 -39.45 4.80
CA PHE I 174 64.36 -41.14 8.14
CA PRO I 175 62.38 -39.80 11.15
CA ALA I 176 64.30 -38.91 14.33
CA VAL I 177 64.18 -40.36 17.86
CA LEU I 178 65.13 -38.92 21.28
CA GLN I 179 68.81 -38.26 20.78
CA SER I 180 69.45 -35.76 23.62
CA GLY I 181 67.38 -32.79 22.56
CA LEU I 182 67.95 -32.66 18.82
CA TYR I 183 65.92 -34.43 16.15
CA THR I 184 68.08 -35.96 13.45
CA LEU I 185 66.52 -35.96 9.96
CA SER I 186 68.19 -37.70 6.98
CA SER I 187 67.38 -38.44 3.35
CA SER I 188 68.38 -39.95 0.00
CA VAL I 189 67.12 -40.77 -3.51
CA THR I 190 68.66 -41.63 -6.90
CA VAL I 191 68.12 -43.47 -10.22
CA THR I 192 71.49 -43.73 -12.03
CA SER I 193 74.90 -42.23 -11.22
CA SER I 194 75.20 -40.52 -14.62
CA THR I 195 75.36 -36.87 -13.49
CA TRP I 196 77.39 -35.84 -10.45
CA PRO I 197 78.69 -33.31 -9.62
CA SER I 198 76.95 -32.39 -12.89
CA GLN I 199 74.18 -29.89 -12.11
CA SER I 200 73.49 -29.11 -8.42
CA ILE I 201 71.66 -30.62 -5.43
CA THR I 202 68.69 -28.89 -3.79
CA CYS I 203 68.55 -29.58 -0.04
CA ASN I 204 65.25 -27.86 0.89
CA VAL I 205 65.89 -27.07 4.57
CA ALA I 206 63.16 -25.08 6.35
CA HIS I 207 62.97 -24.91 10.17
CA PRO I 208 60.33 -22.28 11.12
CA ALA I 209 61.12 -22.75 14.83
CA SER I 210 64.44 -20.89 14.42
CA SER I 211 64.68 -20.23 10.67
CA THR I 212 67.37 -21.84 8.48
CA LYS I 213 67.23 -21.89 4.65
CA VAL I 214 70.33 -23.14 2.77
CA ASP I 215 69.83 -25.40 -0.27
CA LYS I 216 73.14 -27.20 0.20
CA LYS I 217 74.60 -29.48 -2.47
CA ILE I 218 77.27 -32.12 -2.01
CA GLU I 219 80.76 -31.23 -3.28
CA PRO I 220 82.72 -33.76 -5.42
CA ARG I 221 86.45 -33.54 -4.66
CA GLN J 1 35.75 -41.43 23.33
CA ILE J 2 36.09 -44.21 20.70
CA VAL J 3 39.28 -46.21 20.09
CA LEU J 4 39.92 -47.59 16.59
CA THR J 5 42.31 -50.50 16.22
CA GLN J 6 43.22 -52.26 12.99
CA SER J 7 44.82 -55.54 12.04
CA PRO J 8 47.00 -56.89 10.73
CA ALA J 9 49.67 -54.32 11.53
CA ILE J 10 51.93 -55.23 8.59
CA MET J 11 51.04 -57.56 5.72
CA SER J 12 52.83 -58.16 2.42
CA ALA J 13 50.48 -58.61 -0.53
CA SER J 14 52.02 -59.97 -3.73
CA PRO J 15 51.18 -58.70 -7.23
CA GLY J 16 47.70 -60.02 -7.69
CA GLU J 17 47.07 -61.25 -4.17
CA LYS J 18 43.82 -59.43 -3.47
CA VAL J 19 44.11 -58.24 0.17
CA THR J 20 42.17 -56.49 2.96
CA MET J 21 42.21 -54.79 6.42
CA THR J 22 39.94 -54.18 9.37
CA CYS J 23 38.82 -51.45 11.73
CA SER J 24 37.40 -52.62 15.04
CA ALA J 25 34.97 -49.94 16.19
CA SER J 26 34.71 -50.04 19.97
CA SER J 27 31.17 -48.58 20.00
CA SER J 28 28.67 -48.29 17.16
CA VAL J 29 30.04 -45.73 14.69
CA SER J 30 27.81 -44.70 11.81
CA TYR J 31 30.16 -44.16 8.86
CA MET J 32 33.91 -44.59 8.29
CA HIS J 33 36.60 -42.90 6.11
CA TRP J 34 39.93 -44.40 5.07
CA TYR J 35 43.19 -42.48 4.47
CA GLN J 36 46.42 -43.60 2.84
CA GLN J 37 49.90 -42.29 3.54
CA LYS J 38 52.93 -43.40 1.65
CA SER J 39 56.46 -42.86 2.88
CA GLY J 40 57.24 -39.20 2.42
CA THR J 41 54.02 -37.59 1.20
CA SER J 42 51.21 -36.70 3.58
CA PRO J 43 47.88 -38.50 4.16
CA LYS J 44 45.27 -38.73 1.48
CA ILE J 45 41.52 -39.32 1.54
CA TRP J 46 40.87 -42.67 -0.11
CA ILE J 47 37.59 -43.87 1.13
CA TYR J 48 34.82 -41.82 2.71
CA GLU J 49 31.35 -42.68 3.99
CA SER J 50 32.59 -46.33 4.31
CA SER J 51 32.38 -47.15 0.59
CA LYS J 52 32.91 -44.77 -2.31
CA LEU J 53 36.33 -43.44 -3.27
CA ALA J 54 37.48 -40.29 -5.06
CA SER J 55 40.55 -38.42 -6.47
CA GLY J 56 42.11 -40.98 -8.80
CA VAL J 57 41.52 -43.79 -6.40
CA PRO J 58 41.55 -47.16 -8.26
CA VAL J 59 38.20 -48.83 -8.57
CA ARG J 60 40.10 -51.94 -7.53
CA PHE J 61 39.79 -50.55 -4.02
CA SER J 62 36.60 -51.78 -2.38
CA GLY J 63 35.56 -50.98 1.16
CA SER J 64 32.50 -51.93 3.21
CA GLY J 65 31.12 -52.48 6.71
CA SER J 66 28.79 -51.08 9.41
CA GLY J 67 28.43 -50.11 13.05
CA THR J 68 31.17 -52.12 14.74
CA SER J 69 33.41 -53.39 11.97
CA TYR J 70 34.26 -52.18 8.45
CA SER J 71 36.91 -52.98 5.87
CA LEU J 72 38.88 -51.90 2.87
CA THR J 73 40.11 -54.56 0.47
CA ILE J 74 42.14 -54.45 -2.72
CA SER J 75 40.70 -56.22 -5.79
CA SER J 76 44.10 -57.52 -6.99
CA MET J 77 46.98 -55.44 -5.66
CA GLU J 78 49.53 -53.57 -7.82
CA ALA J 79 52.78 -52.08 -6.51
CA GLU J 80 51.42 -48.53 -6.52
CA ASP J 81 49.54 -49.43 -3.33
CA VAL J 82 52.28 -50.08 -0.81
CA ALA J 83 51.57 -47.63 1.96
CA THR J 84 49.76 -47.41 5.25
CA TYR J 85 46.03 -47.09 5.77
CA TYR J 86 44.13 -45.34 8.54
CA CYS J 87 40.40 -45.56 9.33
CA GLN J 88 38.42 -42.78 10.95
CA GLN J 89 35.01 -42.40 12.63
CA TRP J 90 31.98 -40.20 13.21
CA SER J 91 28.99 -39.63 15.51
CA SER J 92 31.71 -39.91 18.14
CA HIS J 93 32.59 -36.85 20.23
CA PRO J 94 36.37 -36.20 20.06
CA LEU J 97 36.87 -37.61 16.52
CA THR J 98 39.57 -40.32 16.11
CA PHE J 99 41.87 -42.29 13.81
CA GLY J 100 43.07 -45.78 13.02
CA ALA J 101 46.37 -47.27 14.21
CA GLY J 102 47.93 -47.95 10.82
CA THR J 103 47.96 -51.01 8.54
CA LYS J 104 51.31 -51.10 6.67
CA LEU J 105 50.95 -52.87 3.34
CA GLU J 106 54.22 -53.79 1.61
CA LEU J 107 54.96 -55.55 -1.71
CA LYS J 108 56.17 -59.16 -1.48
CA ARG J 109 57.73 -58.94 -4.92
CA ALA J 110 58.55 -61.07 -1.56
CA ASP J 111 62.11 -60.35 -0.45
CA ALA J 112 64.50 -57.56 -1.32
CA ALA J 113 68.17 -56.82 -0.88
CA PRO J 114 69.37 -54.00 1.44
CA THR J 115 70.99 -51.66 -1.09
CA VAL J 116 73.45 -50.69 1.72
CA SER J 117 75.45 -47.45 1.56
CA ILE J 118 77.79 -45.35 3.76
CA PHE J 119 78.85 -41.67 3.62
CA PRO J 120 81.62 -39.04 4.29
CA PRO J 121 81.95 -37.02 7.55
CA SER J 122 81.53 -33.22 7.53
CA SER J 123 83.73 -30.12 7.33
CA GLU J 124 81.36 -28.48 9.80
CA GLN J 125 81.86 -31.56 12.01
CA LEU J 126 85.64 -31.55 11.72
CA THR J 127 86.22 -27.82 12.21
CA SER J 128 84.25 -27.99 15.47
CA GLY J 129 85.14 -31.47 16.72
CA GLY J 130 82.77 -34.19 15.52
CA ALA J 131 82.30 -37.75 14.25
CA SER J 132 79.26 -39.51 12.78
CA VAL J 133 79.19 -41.99 9.89
CA VAL J 134 76.15 -42.06 7.57
CA CYS J 135 75.15 -45.52 6.33
CA PHE J 136 71.86 -45.81 4.39
CA LEU J 137 70.37 -49.34 4.30
CA ASN J 138 67.16 -48.81 2.34
CA ASN J 139 64.62 -50.82 0.34
CA PHE J 140 64.61 -54.23 2.04
CA TYR J 141 62.13 -56.90 3.10
CA PRO J 142 61.91 -58.31 5.83
CA LYS J 143 61.51 -55.31 8.12
CA ASP J 144 64.00 -56.99 10.44
CA ILE J 145 67.76 -56.78 10.06
CA ASN J 146 70.77 -56.47 12.41
CA VAL J 147 73.11 -53.71 11.15
CA LYS J 148 76.12 -52.89 13.39
CA TRP J 149 79.57 -51.22 13.49
CA LYS J 150 82.98 -52.65 14.36
CA ILE J 151 85.67 -50.01 13.75
CA ASP J 152 88.93 -51.97 13.58
CA GLY J 153 86.96 -54.88 15.06
CA SER J 154 84.86 -55.94 18.06
CA GLU J 155 81.36 -54.48 18.53
CA ARG J 156 80.92 -51.62 20.98
CA GLN J 157 78.04 -51.26 23.44
CA ASN J 158 76.94 -47.62 23.96
CA GLY J 159 76.24 -45.40 20.93
CA VAL J 160 73.70 -46.97 18.57
CA LEU J 161 71.26 -44.79 16.55
CA ASN J 162 68.39 -46.60 14.83
CA SER J 163 65.97 -44.87 12.47
CA TRP J 164 63.54 -47.63 11.52
CA THR J 165 61.31 -46.09 8.78
CA ASP J 166 57.91 -47.20 7.46
CA GLN J 167 56.77 -49.36 4.48
CA ASP J 168 56.79 -47.49 1.17
CA SER J 169 53.51 -47.45 -0.74
CA LYS J 170 55.16 -47.66 -4.16
CA ASP J 171 57.00 -50.99 -3.90
CA SER J 172 56.43 -51.66 -0.19
CA THR J 173 60.02 -51.75 1.11
CA TYR J 174 61.81 -50.58 4.23
CA SER J 175 64.45 -47.87 3.95
CA MET J 176 66.59 -47.88 7.13
CA SER J 177 69.23 -45.69 8.82
CA SER J 178 71.57 -45.90 11.85
CA THR J 179 74.53 -43.87 13.16
CA LEU J 180 77.31 -43.32 15.74
CA THR J 181 79.20 -40.42 17.33
CA LEU J 182 81.82 -39.84 20.01
CA THR J 183 84.97 -37.97 21.12
CA LYS J 184 87.87 -37.14 18.78
CA ASP J 185 90.16 -39.41 20.79
CA GLU J 186 88.34 -42.57 19.63
CA TYR J 187 87.74 -41.41 16.02
CA GLU J 188 90.61 -39.67 14.28
CA ARG J 189 92.95 -41.94 16.21
CA HIS J 190 92.08 -45.39 14.83
CA ASN J 191 92.37 -47.05 11.42
CA SER J 192 89.12 -48.53 10.00
CA TYR J 193 85.34 -48.22 10.50
CA THR J 194 82.49 -50.70 10.04
CA CYS J 195 78.89 -50.82 8.65
CA GLU J 196 77.66 -54.45 8.22
CA ALA J 197 74.25 -56.19 8.18
CA THR J 198 73.07 -59.55 9.57
CA HIS J 199 69.95 -59.89 7.37
CA LYS J 200 68.35 -63.06 5.94
CA THR J 201 68.96 -62.71 2.23
CA SER J 202 72.59 -63.81 2.68
CA THR J 203 74.59 -66.38 4.67
CA SER J 204 77.46 -64.57 6.33
CA PRO J 205 77.19 -60.84 7.38
CA ILE J 206 77.12 -58.26 4.60
CA VAL J 207 79.58 -55.52 5.62
CA LYS J 208 80.46 -52.27 3.89
CA SER J 209 82.69 -49.63 5.44
CA PHE J 210 85.80 -47.45 5.27
CA ASN J 211 88.80 -46.59 7.46
CA ARG J 212 90.10 -43.28 8.79
CA ASN J 213 93.26 -43.45 6.65
CA GLU J 214 91.96 -42.40 3.21
CA CYS J 215 89.40 -39.64 3.91
#